data_4NC1
#
_entry.id   4NC1
#
_cell.length_a   103.020
_cell.length_b   122.290
_cell.length_c   247.600
_cell.angle_alpha   90.00
_cell.angle_beta   90.00
_cell.angle_gamma   90.00
#
_symmetry.space_group_name_H-M   'C 2 2 21'
#
loop_
_entity.id
_entity.type
_entity.pdbx_description
1 polymer 'Cell wall-binding repeat protein'
2 polymer 'A20.1 VHH'
3 polymer 'A26.8 VHH'
4 water water
#
loop_
_entity_poly.entity_id
_entity_poly.type
_entity_poly.pdbx_seq_one_letter_code
_entity_poly.pdbx_strand_id
1 'polypeptide(L)'
;MHHHHHHSKAVTGMRTIDGKKYYFNTNTAEAATGWQTIDGKKYYFNTNTSIASTGYTIINDKHFYFNTDGIMQIGVFKGP
DGFEYFAPANTDANNIEGQAIRYQNRFLYLHDNIYYFGNNSKAATGWVTIDGRRYYFEPNTAIGANGYKIIDNKNFYFRN
GLPQIGVFKGPNGFEYFAPANTDANNIDGQAIRYQNRFLHLLGNIYYFGNNSKAVTGWQTINGNMYYFMPDTAMAAAGGL
FEIDGVIYFFGVDGVKAPGIY
;
A,B
2 'polypeptide(L)'
;QPAMAQAQVQLVESGGGLAQAGGSLRLSCAASGRTFSMDPMAWFRQPPGKEREFVAAGSSTGRTTYYADSVKGRFTISRD
NAKNTVYLQMNSLKPEDTAVYYCAAAPYGANWYRDEYAYWGQGTQVTVSSGQAGQGSEQKLISEEDLNHHHHHH
;
C,D
3 'polypeptide(L)'
;QVKLEESGGGLVQAGGSLRLSCAASERTFSRYPVAWFRQAPGAEREFVAVISSTGTSTYYADSVKGRFTISRDNAKVTVY
LQMNNLKREDTAVYFCAVNSQRTRLQDPNEYDYWGQGTQVTVSSHHHHHH
;
E,F
#
# COMPACT_ATOMS: atom_id res chain seq x y z
N TYR A 44 -44.48 9.52 -25.80
CA TYR A 44 -44.92 10.24 -27.03
C TYR A 44 -45.60 11.56 -26.65
N PHE A 45 -46.77 11.45 -26.00
CA PHE A 45 -47.51 12.62 -25.51
C PHE A 45 -46.88 13.12 -24.20
N ASN A 46 -47.43 14.21 -23.64
CA ASN A 46 -46.88 14.86 -22.45
C ASN A 46 -47.88 14.83 -21.28
N THR A 47 -47.89 15.84 -20.40
CA THR A 47 -48.84 15.86 -19.27
C THR A 47 -49.17 17.24 -18.67
N ASN A 48 -50.42 17.39 -18.21
CA ASN A 48 -50.93 18.58 -17.52
C ASN A 48 -50.41 18.65 -16.08
N SER A 50 -45.39 20.47 -13.10
CA SER A 50 -44.58 19.29 -13.38
C SER A 50 -44.97 18.57 -14.67
N ILE A 51 -43.95 18.24 -15.46
CA ILE A 51 -44.11 17.60 -16.76
C ILE A 51 -43.79 16.11 -16.69
N ALA A 52 -44.49 15.32 -17.50
CA ALA A 52 -44.21 13.90 -17.62
C ALA A 52 -44.17 13.49 -19.09
N SER A 53 -43.39 12.47 -19.41
CA SER A 53 -43.30 11.96 -20.78
C SER A 53 -43.00 10.47 -20.74
N THR A 54 -42.56 9.92 -21.86
CA THR A 54 -42.02 8.55 -21.90
C THR A 54 -40.66 8.57 -22.62
N GLY A 55 -39.67 7.93 -21.99
CA GLY A 55 -38.33 7.86 -22.55
C GLY A 55 -37.48 9.11 -22.35
N TYR A 56 -36.53 9.27 -23.26
CA TYR A 56 -35.61 10.38 -23.25
C TYR A 56 -36.36 11.64 -23.66
N THR A 57 -36.18 12.71 -22.89
CA THR A 57 -37.00 13.90 -23.03
C THR A 57 -36.18 15.17 -22.82
N ILE A 58 -36.24 16.06 -23.81
CA ILE A 58 -35.53 17.31 -23.73
C ILE A 58 -36.45 18.47 -23.30
N ILE A 59 -36.11 19.09 -22.18
CA ILE A 59 -36.87 20.21 -21.63
C ILE A 59 -35.92 21.39 -21.39
N ASN A 60 -36.15 22.48 -22.12
CA ASN A 60 -35.28 23.67 -22.03
C ASN A 60 -33.80 23.29 -22.11
N ASP A 61 -33.47 22.49 -23.11
CA ASP A 61 -32.11 21.97 -23.31
C ASP A 61 -31.50 21.28 -22.07
N LYS A 62 -32.34 20.63 -21.27
CA LYS A 62 -31.88 19.74 -20.21
C LYS A 62 -32.40 18.34 -20.54
N HIS A 63 -31.67 17.31 -20.11
CA HIS A 63 -32.06 15.96 -20.46
C HIS A 63 -32.73 15.26 -19.30
N PHE A 64 -33.78 14.51 -19.59
CA PHE A 64 -34.52 13.75 -18.58
C PHE A 64 -34.89 12.38 -19.15
N TYR A 65 -35.14 11.41 -18.30
CA TYR A 65 -35.51 10.08 -18.78
C TYR A 65 -36.68 9.53 -18.00
N PHE A 66 -37.73 9.22 -18.74
CA PHE A 66 -38.96 8.73 -18.13
C PHE A 66 -39.14 7.24 -18.44
N ASN A 67 -39.64 6.49 -17.46
CA ASN A 67 -40.03 5.13 -17.75
C ASN A 67 -41.38 5.16 -18.45
N THR A 68 -41.72 4.09 -19.16
CA THR A 68 -42.92 4.09 -20.01
C THR A 68 -44.25 4.30 -19.25
N ASP A 69 -44.18 4.42 -17.92
CA ASP A 69 -45.36 4.73 -17.11
C ASP A 69 -45.36 6.18 -16.62
N GLY A 70 -44.54 7.01 -17.25
CA GLY A 70 -44.55 8.46 -17.01
C GLY A 70 -43.83 8.94 -15.76
N ILE A 71 -43.10 8.03 -15.12
CA ILE A 71 -42.32 8.37 -13.92
C ILE A 71 -40.87 8.65 -14.29
N MET A 72 -40.30 9.67 -13.65
CA MET A 72 -38.94 10.13 -13.90
C MET A 72 -37.89 9.17 -13.37
N GLN A 73 -36.83 8.96 -14.14
CA GLN A 73 -35.81 7.99 -13.78
C GLN A 73 -34.54 8.66 -13.26
N ILE A 74 -34.03 8.16 -12.14
CA ILE A 74 -32.70 8.55 -11.68
C ILE A 74 -31.72 7.41 -11.90
N GLY A 75 -30.62 7.69 -12.60
CA GLY A 75 -29.61 6.69 -12.87
C GLY A 75 -28.97 6.95 -14.20
N VAL A 76 -28.35 5.90 -14.76
CA VAL A 76 -27.69 5.98 -16.06
C VAL A 76 -28.57 5.30 -17.10
N PHE A 77 -29.06 6.06 -18.07
CA PHE A 77 -29.99 5.53 -19.07
C PHE A 77 -29.57 5.95 -20.48
N LYS A 78 -29.98 5.18 -21.48
CA LYS A 78 -29.59 5.44 -22.86
C LYS A 78 -30.44 6.52 -23.57
N GLY A 79 -29.75 7.56 -24.06
CA GLY A 79 -30.33 8.54 -24.95
C GLY A 79 -29.61 8.50 -26.30
N PRO A 80 -30.13 9.26 -27.29
CA PRO A 80 -29.57 9.31 -28.65
C PRO A 80 -28.08 9.62 -28.73
N ASP A 81 -27.53 10.24 -27.69
CA ASP A 81 -26.12 10.57 -27.65
C ASP A 81 -25.28 9.56 -26.85
N GLY A 82 -25.94 8.56 -26.28
CA GLY A 82 -25.29 7.63 -25.38
C GLY A 82 -25.95 7.59 -24.01
N PHE A 83 -25.36 6.84 -23.07
CA PHE A 83 -25.88 6.73 -21.71
C PHE A 83 -25.47 8.00 -20.97
N GLU A 84 -26.41 8.57 -20.23
CA GLU A 84 -26.14 9.80 -19.47
C GLU A 84 -26.46 9.59 -18.00
N TYR A 85 -25.93 10.47 -17.16
CA TYR A 85 -26.21 10.42 -15.74
C TYR A 85 -27.37 11.37 -15.35
N PHE A 86 -28.55 10.78 -15.19
CA PHE A 86 -29.73 11.50 -14.79
C PHE A 86 -29.74 11.58 -13.26
N ALA A 87 -29.26 12.69 -12.72
CA ALA A 87 -28.79 12.76 -11.34
C ALA A 87 -29.80 13.31 -10.37
N PRO A 88 -29.69 12.91 -9.10
CA PRO A 88 -30.55 13.49 -8.06
C PRO A 88 -30.33 14.99 -7.96
N ALA A 89 -31.38 15.70 -7.57
CA ALA A 89 -31.30 17.14 -7.44
C ALA A 89 -30.05 17.54 -6.68
N ASN A 90 -29.30 18.46 -7.26
CA ASN A 90 -28.21 19.14 -6.60
C ASN A 90 -26.93 18.29 -6.54
N THR A 91 -26.60 17.65 -7.65
CA THR A 91 -25.38 16.87 -7.77
C THR A 91 -24.29 17.65 -8.50
N ASP A 92 -24.68 18.48 -9.46
CA ASP A 92 -23.75 19.37 -10.17
C ASP A 92 -24.49 20.58 -10.69
N ALA A 93 -23.85 21.75 -10.60
CA ALA A 93 -24.44 23.02 -11.06
C ALA A 93 -25.94 23.18 -10.74
N ASN A 94 -26.32 22.82 -9.52
CA ASN A 94 -27.70 22.90 -9.06
C ASN A 94 -28.72 22.28 -10.01
N ASN A 95 -28.34 21.15 -10.63
CA ASN A 95 -29.24 20.40 -11.49
C ASN A 95 -30.57 20.06 -10.81
N ILE A 96 -31.64 20.10 -11.61
CA ILE A 96 -32.98 19.72 -11.18
C ILE A 96 -33.04 18.21 -11.08
N GLU A 97 -33.82 17.71 -10.13
CA GLU A 97 -34.03 16.27 -9.99
C GLU A 97 -34.16 15.56 -11.34
N GLY A 98 -33.33 14.53 -11.57
CA GLY A 98 -33.46 13.67 -12.76
C GLY A 98 -32.83 14.21 -14.02
N GLN A 99 -32.26 15.40 -13.92
CA GLN A 99 -31.52 16.04 -14.99
C GLN A 99 -30.17 15.38 -15.25
N ALA A 100 -29.87 15.11 -16.51
CA ALA A 100 -28.55 14.69 -16.93
C ALA A 100 -27.54 15.77 -16.57
N ILE A 101 -26.40 15.37 -16.01
CA ILE A 101 -25.39 16.34 -15.56
C ILE A 101 -24.04 16.20 -16.24
N ARG A 102 -23.23 17.25 -16.12
CA ARG A 102 -21.83 17.18 -16.46
C ARG A 102 -21.23 16.22 -15.43
N TYR A 103 -20.41 15.29 -15.93
CA TYR A 103 -19.72 14.30 -15.11
C TYR A 103 -18.64 13.66 -15.99
N GLN A 104 -17.40 14.12 -15.82
CA GLN A 104 -16.35 13.88 -16.83
C GLN A 104 -15.17 13.04 -16.35
N ASN A 105 -14.74 12.09 -17.19
CA ASN A 105 -13.53 11.32 -16.93
C ASN A 105 -13.40 10.73 -15.52
N ARG A 106 -14.43 10.04 -15.07
CA ARG A 106 -14.42 9.50 -13.73
C ARG A 106 -15.43 8.38 -13.62
N PHE A 107 -15.27 7.57 -12.58
CA PHE A 107 -16.15 6.47 -12.35
C PHE A 107 -17.36 6.99 -11.64
N LEU A 108 -18.42 6.20 -11.68
CA LEU A 108 -19.66 6.51 -11.04
C LEU A 108 -20.11 5.22 -10.44
N TYR A 109 -20.59 5.28 -9.22
CA TYR A 109 -20.98 4.10 -8.52
C TYR A 109 -22.40 4.30 -8.01
N LEU A 110 -23.32 3.46 -8.50
CA LEU A 110 -24.72 3.48 -8.07
C LEU A 110 -25.07 2.09 -7.66
N HIS A 111 -25.81 1.96 -6.57
CA HIS A 111 -26.02 0.66 -5.93
C HIS A 111 -24.68 -0.10 -5.96
N ASP A 112 -24.70 -1.34 -6.44
CA ASP A 112 -23.46 -2.12 -6.57
C ASP A 112 -22.95 -2.13 -8.00
N ASN A 113 -23.41 -1.15 -8.77
CA ASN A 113 -22.96 -0.98 -10.15
C ASN A 113 -21.90 0.10 -10.34
N ILE A 114 -20.99 -0.17 -11.29
CA ILE A 114 -19.90 0.72 -11.65
C ILE A 114 -20.00 1.16 -13.10
N TYR A 115 -19.84 2.47 -13.32
CA TYR A 115 -19.76 3.03 -14.66
C TYR A 115 -18.54 3.91 -14.78
N TYR A 116 -18.11 4.09 -16.02
CA TYR A 116 -17.04 5.01 -16.31
C TYR A 116 -17.54 6.08 -17.28
N PHE A 117 -17.29 7.34 -16.94
CA PHE A 117 -17.72 8.44 -17.79
C PHE A 117 -16.56 9.12 -18.49
N GLY A 118 -16.71 9.33 -19.79
CA GLY A 118 -15.67 9.94 -20.61
C GLY A 118 -15.74 11.45 -20.63
N ASN A 119 -15.06 12.05 -21.60
CA ASN A 119 -14.97 13.50 -21.74
C ASN A 119 -16.28 14.20 -22.11
N ASN A 120 -17.15 13.50 -22.81
CA ASN A 120 -18.42 14.04 -23.24
C ASN A 120 -19.56 13.85 -22.23
N SER A 121 -19.24 13.34 -21.04
CA SER A 121 -20.23 12.98 -19.97
C SER A 121 -21.23 11.85 -20.31
N LYS A 122 -20.84 10.95 -21.20
CA LYS A 122 -21.58 9.73 -21.47
C LYS A 122 -20.80 8.54 -20.93
N ALA A 123 -21.53 7.54 -20.46
CA ALA A 123 -20.93 6.34 -19.93
C ALA A 123 -20.39 5.46 -21.05
N ALA A 124 -19.09 5.14 -20.97
CA ALA A 124 -18.46 4.17 -21.85
C ALA A 124 -19.25 2.88 -21.93
N THR A 125 -19.34 2.32 -23.14
CA THR A 125 -19.97 1.03 -23.34
C THR A 125 -18.98 0.22 -24.15
N GLY A 126 -18.97 -1.09 -23.97
CA GLY A 126 -17.99 -1.94 -24.65
C GLY A 126 -16.61 -1.86 -24.00
N TRP A 127 -15.57 -2.12 -24.80
CA TRP A 127 -14.19 -2.05 -24.35
C TRP A 127 -13.72 -0.61 -24.27
N VAL A 128 -13.24 -0.20 -23.10
CA VAL A 128 -12.67 1.13 -22.93
C VAL A 128 -11.35 1.03 -22.18
N THR A 129 -10.41 1.94 -22.48
CA THR A 129 -9.12 1.94 -21.82
C THR A 129 -8.98 3.05 -20.78
N ILE A 130 -8.97 2.65 -19.51
CA ILE A 130 -8.84 3.56 -18.39
C ILE A 130 -7.50 3.35 -17.71
N ASP A 131 -6.72 4.43 -17.63
CA ASP A 131 -5.34 4.41 -17.12
C ASP A 131 -4.59 3.16 -17.55
N GLY A 132 -4.57 2.90 -18.84
CA GLY A 132 -3.77 1.80 -19.36
C GLY A 132 -4.36 0.40 -19.27
N ARG A 133 -5.44 0.21 -18.52
CA ARG A 133 -6.10 -1.11 -18.45
C ARG A 133 -7.36 -1.13 -19.31
N ARG A 134 -7.64 -2.28 -19.93
CA ARG A 134 -8.90 -2.45 -20.66
C ARG A 134 -10.02 -2.87 -19.73
N TYR A 135 -11.07 -2.06 -19.62
CA TYR A 135 -12.28 -2.46 -18.90
C TYR A 135 -13.41 -2.80 -19.91
N TYR A 136 -14.47 -3.41 -19.43
CA TYR A 136 -15.61 -3.67 -20.28
C TYR A 136 -16.90 -3.30 -19.63
N PHE A 137 -17.70 -2.56 -20.38
CA PHE A 137 -19.00 -2.17 -19.87
C PHE A 137 -20.12 -2.65 -20.79
N GLU A 138 -21.12 -3.27 -20.20
CA GLU A 138 -22.21 -3.86 -20.96
C GLU A 138 -22.89 -2.80 -21.84
N PRO A 139 -22.98 -3.05 -23.15
CA PRO A 139 -23.61 -2.13 -24.09
C PRO A 139 -25.08 -1.81 -23.79
N ASN A 140 -25.79 -2.75 -23.18
CA ASN A 140 -27.20 -2.54 -22.90
C ASN A 140 -27.52 -1.66 -21.71
N THR A 141 -26.58 -1.55 -20.77
CA THR A 141 -26.85 -0.91 -19.48
C THR A 141 -25.75 0.08 -19.10
N ALA A 142 -24.61 -0.10 -19.73
CA ALA A 142 -23.42 0.66 -19.39
C ALA A 142 -22.76 0.16 -18.09
N ILE A 143 -23.39 -0.81 -17.44
CA ILE A 143 -22.86 -1.40 -16.21
C ILE A 143 -21.64 -2.31 -16.45
N GLY A 144 -20.61 -2.16 -15.62
CA GLY A 144 -19.40 -3.00 -15.64
C GLY A 144 -19.68 -4.50 -15.74
N ALA A 145 -18.88 -5.19 -16.55
CA ALA A 145 -19.07 -6.64 -16.69
C ALA A 145 -18.65 -7.46 -15.45
N ASN A 146 -19.46 -8.45 -15.10
CA ASN A 146 -19.07 -9.48 -14.13
C ASN A 146 -19.37 -10.87 -14.67
N GLY A 147 -18.54 -11.85 -14.29
CA GLY A 147 -18.77 -13.23 -14.66
C GLY A 147 -18.23 -13.59 -16.02
N TYR A 148 -18.68 -14.73 -16.54
CA TYR A 148 -18.22 -15.24 -17.83
C TYR A 148 -18.94 -14.49 -18.96
N LYS A 149 -18.19 -14.23 -20.03
CA LYS A 149 -18.67 -13.35 -21.08
C LYS A 149 -17.96 -13.68 -22.37
N ILE A 150 -18.72 -13.84 -23.45
CA ILE A 150 -18.12 -14.03 -24.77
C ILE A 150 -18.21 -12.72 -25.53
N ILE A 151 -17.10 -12.29 -26.13
CA ILE A 151 -17.04 -11.02 -26.83
C ILE A 151 -16.20 -11.17 -28.08
N ASP A 152 -16.87 -11.17 -29.23
CA ASP A 152 -16.22 -11.39 -30.52
C ASP A 152 -15.59 -12.79 -30.53
N ASN A 153 -16.41 -13.77 -30.16
CA ASN A 153 -15.98 -15.17 -29.98
C ASN A 153 -14.68 -15.35 -29.20
N LYS A 154 -14.59 -14.63 -28.10
CA LYS A 154 -13.49 -14.73 -27.17
C LYS A 154 -14.08 -14.76 -25.76
N ASN A 155 -13.49 -15.58 -24.90
CA ASN A 155 -14.05 -15.75 -23.58
C ASN A 155 -13.21 -15.04 -22.52
N PHE A 156 -13.89 -14.39 -21.59
CA PHE A 156 -13.28 -13.60 -20.53
C PHE A 156 -14.06 -13.86 -19.26
N TYR A 157 -13.45 -13.54 -18.11
CA TYR A 157 -14.12 -13.66 -16.83
C TYR A 157 -13.89 -12.40 -16.03
N PHE A 158 -14.97 -11.66 -15.78
CA PHE A 158 -14.86 -10.28 -15.32
C PHE A 158 -15.14 -10.09 -13.85
N ARG A 159 -14.35 -9.24 -13.21
CA ARG A 159 -14.68 -8.72 -11.89
C ARG A 159 -14.67 -7.20 -12.01
N ASN A 160 -15.80 -6.58 -11.65
CA ASN A 160 -15.94 -5.12 -11.69
C ASN A 160 -15.46 -4.44 -13.00
N GLY A 161 -15.77 -5.02 -14.14
CA GLY A 161 -15.38 -4.45 -15.43
C GLY A 161 -14.02 -4.94 -15.92
N LEU A 162 -13.26 -5.64 -15.07
CA LEU A 162 -11.90 -6.06 -15.43
C LEU A 162 -11.79 -7.56 -15.67
N PRO A 163 -11.19 -7.95 -16.81
CA PRO A 163 -10.93 -9.36 -17.08
C PRO A 163 -9.95 -9.90 -16.06
N GLN A 164 -10.34 -10.95 -15.35
CA GLN A 164 -9.48 -11.61 -14.37
C GLN A 164 -8.60 -12.67 -15.00
N ILE A 165 -7.37 -12.81 -14.49
CA ILE A 165 -6.47 -13.88 -14.94
C ILE A 165 -6.54 -15.03 -13.94
N GLY A 166 -6.60 -16.25 -14.47
CA GLY A 166 -6.72 -17.43 -13.62
C GLY A 166 -7.57 -18.51 -14.27
N VAL A 167 -7.98 -19.47 -13.44
CA VAL A 167 -8.80 -20.60 -13.86
C VAL A 167 -10.22 -20.44 -13.29
N PHE A 168 -11.19 -20.14 -14.14
CA PHE A 168 -12.57 -19.92 -13.68
C PHE A 168 -13.61 -20.76 -14.43
N LYS A 169 -14.80 -20.88 -13.85
CA LYS A 169 -15.80 -21.79 -14.37
C LYS A 169 -16.76 -21.07 -15.31
N GLY A 170 -16.58 -21.34 -16.60
CA GLY A 170 -17.56 -21.00 -17.62
C GLY A 170 -18.63 -22.07 -17.75
N PRO A 171 -19.58 -21.89 -18.68
CA PRO A 171 -20.69 -22.84 -18.84
C PRO A 171 -20.20 -24.21 -19.31
N ASN A 172 -19.06 -24.22 -20.00
CA ASN A 172 -18.45 -25.46 -20.47
C ASN A 172 -17.17 -25.84 -19.71
N GLY A 173 -17.22 -25.78 -18.39
CA GLY A 173 -16.06 -26.05 -17.55
C GLY A 173 -15.06 -24.92 -17.30
N PHE A 174 -13.97 -25.27 -16.60
CA PHE A 174 -12.96 -24.31 -16.16
C PHE A 174 -12.03 -24.01 -17.31
N GLU A 175 -11.84 -22.73 -17.62
CA GLU A 175 -10.87 -22.35 -18.65
C GLU A 175 -9.70 -21.55 -18.05
N TYR A 176 -8.65 -21.44 -18.84
CA TYR A 176 -7.49 -20.69 -18.48
C TYR A 176 -7.56 -19.33 -19.18
N PHE A 177 -7.91 -18.31 -18.40
CA PHE A 177 -7.92 -16.93 -18.86
C PHE A 177 -6.53 -16.37 -18.54
N ALA A 178 -5.74 -16.17 -19.58
CA ALA A 178 -4.29 -16.02 -19.43
C ALA A 178 -3.79 -14.59 -19.54
N PRO A 179 -2.56 -14.34 -19.04
CA PRO A 179 -1.99 -13.02 -19.29
C PRO A 179 -1.90 -12.77 -20.79
N ALA A 180 -1.73 -11.50 -21.18
CA ALA A 180 -1.53 -11.19 -22.59
C ALA A 180 -0.25 -11.86 -23.09
N ASN A 181 -0.29 -12.32 -24.34
CA ASN A 181 0.88 -12.84 -25.05
C ASN A 181 1.39 -14.22 -24.63
N THR A 182 0.56 -14.97 -23.90
CA THR A 182 0.92 -16.29 -23.43
C THR A 182 0.89 -17.31 -24.56
N ASP A 183 -0.11 -17.17 -25.43
CA ASP A 183 -0.31 -18.09 -26.54
C ASP A 183 -1.02 -17.37 -27.68
N ALA A 184 -0.49 -17.51 -28.89
CA ALA A 184 -1.07 -16.91 -30.11
C ALA A 184 -1.49 -15.43 -29.95
N ASN A 185 -0.61 -14.62 -29.33
CA ASN A 185 -0.85 -13.19 -29.10
C ASN A 185 -2.25 -12.83 -28.53
N ASN A 186 -2.68 -13.62 -27.54
CA ASN A 186 -3.95 -13.41 -26.83
C ASN A 186 -3.94 -12.14 -26.01
N ILE A 187 -5.11 -11.55 -25.79
CA ILE A 187 -5.19 -10.35 -24.94
C ILE A 187 -5.40 -10.73 -23.46
N ASP A 188 -5.10 -9.77 -22.57
CA ASP A 188 -5.16 -9.97 -21.13
C ASP A 188 -6.49 -10.53 -20.63
N GLY A 189 -6.44 -11.74 -20.06
CA GLY A 189 -7.61 -12.41 -19.46
C GLY A 189 -8.44 -13.24 -20.42
N GLN A 190 -7.96 -13.35 -21.66
CA GLN A 190 -8.66 -14.14 -22.67
C GLN A 190 -8.42 -15.65 -22.47
N ALA A 191 -9.48 -16.45 -22.56
CA ALA A 191 -9.33 -17.92 -22.53
C ALA A 191 -8.46 -18.38 -23.70
N ILE A 192 -7.49 -19.25 -23.42
CA ILE A 192 -6.56 -19.65 -24.48
C ILE A 192 -6.57 -21.14 -24.74
N ARG A 193 -6.02 -21.55 -25.88
CA ARG A 193 -5.77 -22.96 -26.11
C ARG A 193 -4.71 -23.38 -25.10
N TYR A 194 -4.99 -24.48 -24.39
CA TYR A 194 -4.08 -25.03 -23.41
C TYR A 194 -4.42 -26.53 -23.27
N GLN A 195 -3.62 -27.39 -23.91
CA GLN A 195 -3.97 -28.80 -24.09
C GLN A 195 -3.00 -29.77 -23.43
N ASN A 196 -3.53 -30.75 -22.68
CA ASN A 196 -2.76 -31.91 -22.19
C ASN A 196 -1.52 -31.50 -21.42
N ARG A 197 -1.73 -30.67 -20.41
CA ARG A 197 -0.64 -29.95 -19.79
C ARG A 197 -1.03 -29.45 -18.39
N PHE A 198 -0.04 -29.38 -17.51
CA PHE A 198 -0.26 -28.85 -16.18
C PHE A 198 -0.13 -27.33 -16.21
N LEU A 199 -0.70 -26.69 -15.19
CA LEU A 199 -0.52 -25.27 -15.01
C LEU A 199 -0.31 -24.93 -13.53
N HIS A 200 0.79 -24.26 -13.23
CA HIS A 200 0.99 -23.69 -11.89
C HIS A 200 0.65 -22.21 -11.89
N LEU A 201 -0.27 -21.80 -11.01
CA LEU A 201 -0.65 -20.40 -10.90
C LEU A 201 -1.13 -20.11 -9.50
N LEU A 202 -0.62 -19.03 -8.91
CA LEU A 202 -0.99 -18.60 -7.54
C LEU A 202 -0.82 -19.71 -6.51
N GLY A 203 0.23 -20.52 -6.66
CA GLY A 203 0.47 -21.67 -5.79
C GLY A 203 -0.57 -22.80 -5.90
N ASN A 204 -1.18 -22.95 -7.06
CA ASN A 204 -2.09 -24.05 -7.27
C ASN A 204 -1.65 -24.81 -8.48
N ILE A 205 -2.19 -26.02 -8.63
CA ILE A 205 -1.85 -26.91 -9.71
C ILE A 205 -3.11 -27.33 -10.41
N TYR A 206 -3.11 -27.24 -11.74
CA TYR A 206 -4.26 -27.61 -12.55
C TYR A 206 -3.79 -28.51 -13.64
N TYR A 207 -4.68 -29.36 -14.14
CA TYR A 207 -4.37 -30.09 -15.34
C TYR A 207 -5.44 -29.84 -16.39
N PHE A 208 -4.99 -29.59 -17.62
CA PHE A 208 -5.88 -29.30 -18.73
C PHE A 208 -5.91 -30.45 -19.74
N GLY A 209 -7.12 -30.93 -20.05
CA GLY A 209 -7.28 -32.02 -21.02
C GLY A 209 -7.12 -31.57 -22.47
N ASN A 210 -7.63 -32.38 -23.39
CA ASN A 210 -7.52 -32.09 -24.83
C ASN A 210 -8.38 -30.91 -25.29
N ASN A 211 -9.54 -30.72 -24.66
CA ASN A 211 -10.47 -29.59 -24.94
C ASN A 211 -10.15 -28.22 -24.27
N SER A 212 -8.90 -28.04 -23.81
CA SER A 212 -8.46 -26.87 -23.05
C SER A 212 -9.32 -26.52 -21.80
N LYS A 213 -9.94 -27.51 -21.19
CA LYS A 213 -10.67 -27.32 -19.93
C LYS A 213 -9.97 -28.05 -18.79
N ALA A 214 -10.03 -27.45 -17.59
CA ALA A 214 -9.42 -28.03 -16.41
C ALA A 214 -10.18 -29.26 -15.94
N VAL A 215 -9.47 -30.36 -15.71
CA VAL A 215 -10.13 -31.55 -15.18
C VAL A 215 -10.46 -31.38 -13.68
N THR A 216 -11.49 -32.09 -13.22
CA THR A 216 -11.92 -32.03 -11.84
C THR A 216 -12.05 -33.48 -11.33
N GLY A 217 -12.15 -33.65 -10.01
CA GLY A 217 -12.33 -34.97 -9.42
C GLY A 217 -11.07 -35.84 -9.48
N TRP A 218 -11.21 -37.14 -9.21
CA TRP A 218 -10.08 -38.07 -9.26
C TRP A 218 -9.57 -38.24 -10.68
N GLN A 219 -8.27 -38.08 -10.86
CA GLN A 219 -7.68 -38.21 -12.20
C GLN A 219 -6.38 -38.99 -12.12
N THR A 220 -6.09 -39.75 -13.17
CA THR A 220 -4.82 -40.46 -13.28
C THR A 220 -4.03 -39.96 -14.50
N ILE A 221 -2.89 -39.34 -14.21
CA ILE A 221 -2.06 -38.68 -15.20
C ILE A 221 -0.60 -39.15 -15.04
N ASN A 222 -0.07 -39.79 -16.09
CA ASN A 222 1.26 -40.40 -16.07
C ASN A 222 1.54 -41.32 -14.86
N GLY A 223 0.61 -42.23 -14.60
CA GLY A 223 0.71 -43.19 -13.50
C GLY A 223 0.42 -42.68 -12.10
N ASN A 224 0.07 -41.40 -11.97
CA ASN A 224 -0.20 -40.78 -10.67
C ASN A 224 -1.66 -40.36 -10.47
N MET A 225 -2.14 -40.44 -9.23
CA MET A 225 -3.51 -40.03 -8.94
C MET A 225 -3.57 -38.65 -8.28
N TYR A 226 -4.35 -37.77 -8.88
CA TYR A 226 -4.60 -36.47 -8.30
C TYR A 226 -6.08 -36.39 -8.00
N TYR A 227 -6.43 -35.45 -7.13
CA TYR A 227 -7.82 -35.07 -6.97
C TYR A 227 -7.91 -33.58 -7.11
N PHE A 228 -8.52 -33.13 -8.21
CA PHE A 228 -8.73 -31.72 -8.42
C PHE A 228 -10.10 -31.32 -7.92
N MET A 229 -10.14 -30.32 -7.04
CA MET A 229 -11.37 -29.92 -6.36
C MET A 229 -12.40 -29.41 -7.36
N PRO A 230 -13.65 -29.91 -7.25
CA PRO A 230 -14.70 -29.53 -8.21
C PRO A 230 -15.06 -28.05 -8.18
N ASP A 231 -14.92 -27.42 -7.01
CA ASP A 231 -15.19 -25.99 -6.82
C ASP A 231 -14.23 -25.07 -7.57
N THR A 232 -12.96 -25.44 -7.67
CA THR A 232 -11.95 -24.51 -8.17
C THR A 232 -11.00 -25.15 -9.16
N ALA A 233 -11.21 -26.43 -9.41
CA ALA A 233 -10.25 -27.24 -10.18
C ALA A 233 -8.82 -27.30 -9.59
N MET A 234 -8.60 -26.83 -8.36
CA MET A 234 -7.25 -26.90 -7.75
C MET A 234 -6.93 -28.30 -7.26
N ALA A 235 -5.74 -28.79 -7.60
CA ALA A 235 -5.27 -30.05 -7.02
C ALA A 235 -5.24 -29.95 -5.49
N ALA A 236 -5.75 -30.96 -4.82
CA ALA A 236 -5.39 -31.19 -3.42
C ALA A 236 -3.86 -31.44 -3.40
N ALA A 237 -3.14 -30.71 -2.56
CA ALA A 237 -1.67 -30.82 -2.52
C ALA A 237 -1.05 -30.37 -1.22
N GLY A 238 0.04 -31.03 -0.85
CA GLY A 238 0.88 -30.64 0.27
C GLY A 238 0.24 -30.93 1.61
N GLY A 239 -0.16 -32.19 1.81
CA GLY A 239 -0.73 -32.61 3.10
C GLY A 239 -1.99 -33.46 3.05
N LEU A 240 -2.79 -33.33 4.09
CA LEU A 240 -3.92 -34.22 4.31
C LEU A 240 -5.24 -33.52 4.00
N PHE A 241 -6.08 -34.20 3.23
CA PHE A 241 -7.33 -33.62 2.79
C PHE A 241 -8.46 -34.58 3.07
N GLU A 242 -9.60 -34.05 3.51
CA GLU A 242 -10.78 -34.88 3.56
C GLU A 242 -11.54 -34.69 2.26
N ILE A 243 -11.78 -35.79 1.55
CA ILE A 243 -12.40 -35.69 0.25
C ILE A 243 -13.87 -36.11 0.27
N ASP A 244 -14.17 -37.38 0.43
CA ASP A 244 -15.58 -37.74 0.64
C ASP A 244 -15.64 -38.51 1.95
N GLY A 245 -15.50 -37.77 3.05
CA GLY A 245 -15.38 -38.32 4.40
C GLY A 245 -14.18 -39.23 4.63
N VAL A 246 -13.16 -39.12 3.77
CA VAL A 246 -11.96 -39.96 3.86
C VAL A 246 -10.67 -39.11 3.78
N ILE A 247 -9.72 -39.32 4.70
CA ILE A 247 -8.49 -38.53 4.70
C ILE A 247 -7.53 -39.18 3.72
N TYR A 248 -6.87 -38.37 2.91
CA TYR A 248 -5.78 -38.84 2.05
C TYR A 248 -4.58 -37.95 2.25
N PHE A 249 -3.39 -38.47 1.97
CA PHE A 249 -2.22 -37.63 1.96
C PHE A 249 -1.82 -37.33 0.52
N PHE A 250 -1.64 -36.04 0.22
CA PHE A 250 -1.15 -35.63 -1.10
C PHE A 250 0.18 -34.92 -0.98
N GLY A 251 1.13 -35.32 -1.83
CA GLY A 251 2.41 -34.63 -1.95
C GLY A 251 2.28 -33.16 -2.32
N VAL A 252 3.42 -32.47 -2.36
CA VAL A 252 3.42 -31.05 -2.70
C VAL A 252 3.10 -30.85 -4.17
N ASP A 253 3.37 -31.89 -4.98
CA ASP A 253 3.04 -31.88 -6.39
C ASP A 253 1.58 -32.33 -6.64
N GLY A 254 0.85 -32.63 -5.57
CA GLY A 254 -0.54 -33.02 -5.67
C GLY A 254 -0.79 -34.50 -5.97
N VAL A 255 0.28 -35.29 -6.01
CA VAL A 255 0.18 -36.75 -6.23
C VAL A 255 -0.18 -37.47 -4.93
N LYS A 256 -1.27 -38.24 -4.98
CA LYS A 256 -1.74 -39.03 -3.85
C LYS A 256 -0.76 -40.11 -3.47
N ALA A 257 -0.38 -40.16 -2.20
CA ALA A 257 0.39 -41.28 -1.67
C ALA A 257 -0.52 -42.49 -1.46
N PRO A 258 -0.18 -43.62 -2.12
CA PRO A 258 -0.89 -44.90 -1.93
C PRO A 258 -0.57 -45.53 -0.57
N GLN B 8 -23.89 24.01 -0.36
CA GLN B 8 -25.26 23.63 0.09
C GLN B 8 -25.26 22.21 0.66
N VAL B 9 -24.45 21.32 0.07
CA VAL B 9 -24.37 19.95 0.56
C VAL B 9 -23.34 19.81 1.69
N GLN B 10 -23.74 19.14 2.76
CA GLN B 10 -22.88 18.97 3.93
C GLN B 10 -22.94 17.52 4.42
N LEU B 11 -21.81 17.05 4.96
CA LEU B 11 -21.79 15.78 5.68
C LEU B 11 -21.32 16.11 7.08
N VAL B 12 -22.18 15.85 8.05
CA VAL B 12 -21.92 16.31 9.40
C VAL B 12 -21.70 15.12 10.29
N GLU B 13 -20.50 15.04 10.86
CA GLU B 13 -20.16 13.94 11.76
C GLU B 13 -20.55 14.25 13.20
N SER B 14 -20.92 13.21 13.94
CA SER B 14 -21.20 13.31 15.36
C SER B 14 -20.88 11.98 16.02
N GLY B 15 -20.91 11.96 17.36
CA GLY B 15 -20.74 10.74 18.13
C GLY B 15 -19.32 10.51 18.59
N GLY B 16 -18.48 11.51 18.39
CA GLY B 16 -17.07 11.39 18.71
C GLY B 16 -16.78 11.44 20.20
N GLY B 17 -15.77 12.23 20.57
CA GLY B 17 -15.37 12.33 21.96
C GLY B 17 -14.46 11.20 22.43
N LEU B 18 -14.42 11.03 23.76
CA LEU B 18 -13.44 10.18 24.40
C LEU B 18 -13.96 8.80 24.76
N ALA B 19 -13.13 7.80 24.54
CA ALA B 19 -13.44 6.43 24.95
C ALA B 19 -12.18 5.82 25.52
N GLN B 20 -12.29 4.59 25.99
CA GLN B 20 -11.11 3.89 26.54
C GLN B 20 -10.92 2.50 25.96
N ALA B 21 -9.66 2.05 25.93
CA ALA B 21 -9.27 0.76 25.37
C ALA B 21 -10.29 -0.34 25.62
N GLY B 22 -10.52 -1.17 24.59
CA GLY B 22 -11.48 -2.27 24.66
C GLY B 22 -12.92 -1.80 24.53
N GLY B 23 -13.16 -0.52 24.83
CA GLY B 23 -14.49 0.07 24.73
C GLY B 23 -14.95 0.24 23.28
N SER B 24 -16.10 0.89 23.10
CA SER B 24 -16.68 0.98 21.78
C SER B 24 -17.58 2.20 21.56
N LEU B 25 -17.26 2.99 20.53
CA LEU B 25 -18.04 4.18 20.12
C LEU B 25 -18.87 3.94 18.85
N ARG B 26 -19.76 4.87 18.53
CA ARG B 26 -20.55 4.80 17.31
C ARG B 26 -20.64 6.18 16.66
N LEU B 27 -20.00 6.32 15.51
CA LEU B 27 -20.00 7.58 14.78
C LEU B 27 -21.17 7.69 13.81
N SER B 28 -21.61 8.93 13.58
CA SER B 28 -22.69 9.22 12.63
C SER B 28 -22.34 10.35 11.68
N CYS B 29 -22.76 10.18 10.44
CA CYS B 29 -22.57 11.18 9.44
C CYS B 29 -23.91 11.44 8.79
N ALA B 30 -24.50 12.60 9.11
CA ALA B 30 -25.75 13.03 8.51
C ALA B 30 -25.51 13.92 7.31
N ALA B 31 -26.15 13.57 6.20
CA ALA B 31 -25.93 14.26 4.95
C ALA B 31 -27.15 15.06 4.58
N SER B 32 -26.93 16.26 4.05
CA SER B 32 -28.04 17.13 3.68
C SER B 32 -27.72 17.90 2.41
N GLY B 33 -28.75 18.32 1.69
CA GLY B 33 -28.57 19.10 0.48
C GLY B 33 -28.82 18.25 -0.76
N ARG B 34 -28.73 16.93 -0.61
CA ARG B 34 -29.02 16.00 -1.69
C ARG B 34 -29.21 14.60 -1.13
N THR B 35 -29.83 13.73 -1.91
CA THR B 35 -30.03 12.36 -1.47
C THR B 35 -28.83 11.49 -1.88
N PHE B 36 -28.30 10.74 -0.92
CA PHE B 36 -27.16 9.84 -1.20
C PHE B 36 -27.62 8.39 -1.26
N SER B 37 -28.92 8.18 -1.44
CA SER B 37 -29.50 6.84 -1.36
C SER B 37 -28.94 5.86 -2.40
N MET B 38 -28.26 6.38 -3.41
CA MET B 38 -27.59 5.56 -4.42
C MET B 38 -26.08 5.52 -4.26
N ASP B 39 -25.52 6.41 -3.44
CA ASP B 39 -24.05 6.63 -3.44
C ASP B 39 -23.35 5.82 -2.37
N PRO B 40 -22.14 5.32 -2.68
CA PRO B 40 -21.38 4.71 -1.61
C PRO B 40 -20.93 5.76 -0.62
N MET B 41 -20.79 5.36 0.64
CA MET B 41 -20.29 6.27 1.65
C MET B 41 -19.15 5.58 2.38
N ALA B 42 -18.30 6.39 3.01
CA ALA B 42 -17.07 5.88 3.56
C ALA B 42 -16.57 6.73 4.73
N TRP B 43 -15.68 6.13 5.51
CA TRP B 43 -15.03 6.79 6.61
C TRP B 43 -13.53 6.75 6.40
N PHE B 44 -12.90 7.90 6.62
CA PHE B 44 -11.47 8.03 6.65
C PHE B 44 -11.06 8.61 8.00
N ARG B 45 -9.80 8.43 8.36
CA ARG B 45 -9.24 9.05 9.57
C ARG B 45 -7.84 9.62 9.38
N GLN B 46 -7.51 10.61 10.22
CA GLN B 46 -6.18 11.24 10.23
C GLN B 46 -5.61 11.20 11.64
N PRO B 47 -4.77 10.19 11.94
CA PRO B 47 -4.02 10.23 13.19
C PRO B 47 -3.14 11.49 13.25
N PRO B 48 -2.74 11.91 14.46
CA PRO B 48 -1.97 13.15 14.50
C PRO B 48 -0.56 12.87 14.03
N GLY B 49 -0.03 13.76 13.20
CA GLY B 49 1.32 13.61 12.66
C GLY B 49 1.32 12.73 11.43
N LYS B 50 0.43 11.74 11.44
CA LYS B 50 0.22 10.85 10.32
C LYS B 50 -0.78 11.51 9.38
N GLU B 51 -0.81 11.05 8.14
CA GLU B 51 -1.66 11.66 7.13
C GLU B 51 -2.95 10.84 6.94
N ARG B 52 -3.99 11.50 6.43
CA ARG B 52 -5.30 10.89 6.20
C ARG B 52 -5.19 9.50 5.57
N GLU B 53 -6.01 8.57 6.06
CA GLU B 53 -5.96 7.17 5.64
C GLU B 53 -7.36 6.56 5.63
N PHE B 54 -7.49 5.45 4.93
CA PHE B 54 -8.77 4.82 4.70
C PHE B 54 -9.18 4.00 5.89
N VAL B 55 -10.45 4.11 6.28
CA VAL B 55 -11.02 3.24 7.30
C VAL B 55 -11.97 2.19 6.71
N ALA B 56 -13.09 2.65 6.16
CA ALA B 56 -14.17 1.75 5.73
C ALA B 56 -15.01 2.40 4.62
N ALA B 57 -15.59 1.55 3.76
CA ALA B 57 -16.52 2.01 2.70
C ALA B 57 -17.59 0.97 2.37
N GLY B 58 -18.77 1.44 1.97
CA GLY B 58 -19.86 0.56 1.62
C GLY B 58 -20.74 1.08 0.51
N SER B 59 -21.39 0.17 -0.22
CA SER B 59 -22.38 0.55 -1.22
C SER B 59 -23.65 0.97 -0.52
N SER B 60 -24.56 1.61 -1.25
CA SER B 60 -25.83 2.06 -0.68
C SER B 60 -26.70 0.90 -0.21
N THR B 61 -26.56 -0.26 -0.87
CA THR B 61 -27.34 -1.45 -0.52
C THR B 61 -26.77 -2.24 0.66
N GLY B 62 -25.53 -1.98 1.04
CA GLY B 62 -24.87 -2.75 2.08
C GLY B 62 -24.13 -3.96 1.55
N ARG B 63 -24.51 -4.42 0.35
CA ARG B 63 -23.93 -5.62 -0.27
C ARG B 63 -22.41 -5.57 -0.46
N THR B 64 -21.88 -4.38 -0.74
CA THR B 64 -20.42 -4.23 -0.89
C THR B 64 -19.87 -3.38 0.23
N THR B 65 -18.90 -3.93 0.96
CA THR B 65 -18.17 -3.18 1.99
C THR B 65 -16.70 -3.54 1.96
N TYR B 66 -15.83 -2.55 2.19
CA TYR B 66 -14.39 -2.77 2.27
C TYR B 66 -13.83 -2.15 3.55
N TYR B 67 -12.86 -2.82 4.16
CA TYR B 67 -12.25 -2.36 5.41
C TYR B 67 -10.72 -2.33 5.36
N ALA B 68 -10.12 -1.33 6.00
CA ALA B 68 -8.66 -1.30 6.16
C ALA B 68 -8.22 -2.46 7.07
N ASP B 69 -7.07 -3.04 6.75
CA ASP B 69 -6.60 -4.24 7.43
C ASP B 69 -6.62 -4.11 8.96
N SER B 70 -6.17 -2.96 9.43
CA SER B 70 -6.05 -2.69 10.86
C SER B 70 -7.40 -2.52 11.56
N VAL B 71 -8.50 -2.72 10.83
CA VAL B 71 -9.83 -2.47 11.39
C VAL B 71 -10.85 -3.63 11.27
N LYS B 72 -10.56 -4.61 10.41
CA LYS B 72 -11.44 -5.77 10.21
C LYS B 72 -11.96 -6.38 11.52
N GLY B 73 -13.24 -6.77 11.53
CA GLY B 73 -13.84 -7.35 12.72
C GLY B 73 -14.18 -6.32 13.79
N ARG B 74 -13.35 -5.29 13.92
CA ARG B 74 -13.51 -4.31 14.99
C ARG B 74 -14.45 -3.14 14.65
N PHE B 75 -14.41 -2.67 13.40
CA PHE B 75 -15.29 -1.58 12.96
C PHE B 75 -16.29 -2.10 11.94
N THR B 76 -17.47 -1.49 11.94
CA THR B 76 -18.52 -1.91 11.01
C THR B 76 -19.26 -0.72 10.42
N ILE B 77 -19.22 -0.60 9.10
CA ILE B 77 -19.95 0.44 8.42
C ILE B 77 -21.39 -0.02 8.20
N SER B 78 -22.34 0.93 8.27
CA SER B 78 -23.75 0.65 8.02
C SER B 78 -24.47 1.96 7.70
N ARG B 79 -25.71 1.89 7.23
CA ARG B 79 -26.44 3.12 6.93
C ARG B 79 -27.96 3.02 6.93
N ASP B 80 -28.60 4.18 6.98
CA ASP B 80 -30.04 4.31 6.81
C ASP B 80 -30.36 5.40 5.77
N ASN B 81 -30.63 4.95 4.55
CA ASN B 81 -30.93 5.83 3.41
C ASN B 81 -32.18 6.68 3.61
N ALA B 82 -33.10 6.18 4.45
CA ALA B 82 -34.26 6.95 4.87
C ALA B 82 -33.80 8.23 5.58
N LYS B 83 -32.79 8.07 6.44
CA LYS B 83 -32.24 9.18 7.21
C LYS B 83 -31.01 9.81 6.56
N ASN B 84 -30.61 9.29 5.39
CA ASN B 84 -29.50 9.86 4.61
C ASN B 84 -28.20 9.94 5.44
N THR B 85 -27.92 8.87 6.19
CA THR B 85 -26.81 8.87 7.13
C THR B 85 -26.04 7.56 7.05
N VAL B 86 -24.72 7.66 7.25
CA VAL B 86 -23.87 6.48 7.36
C VAL B 86 -23.33 6.39 8.79
N TYR B 87 -23.00 5.18 9.21
CA TYR B 87 -22.59 4.94 10.58
C TYR B 87 -21.29 4.16 10.58
N LEU B 88 -20.40 4.49 11.51
CA LEU B 88 -19.24 3.62 11.81
C LEU B 88 -19.29 3.18 13.28
N GLN B 89 -19.40 1.88 13.47
CA GLN B 89 -19.50 1.26 14.79
C GLN B 89 -18.13 0.73 15.16
N MET B 90 -17.51 1.36 16.15
CA MET B 90 -16.14 1.06 16.52
C MET B 90 -16.07 0.32 17.84
N ASN B 91 -15.81 -0.98 17.76
CA ASN B 91 -15.65 -1.85 18.90
C ASN B 91 -14.19 -2.18 19.13
N SER B 92 -13.87 -2.71 20.32
CA SER B 92 -12.51 -3.15 20.68
C SER B 92 -11.46 -2.07 20.47
N LEU B 93 -11.78 -0.84 20.86
CA LEU B 93 -10.94 0.33 20.60
C LEU B 93 -9.51 0.21 21.13
N LYS B 94 -8.61 0.95 20.50
CA LYS B 94 -7.19 0.90 20.84
C LYS B 94 -6.60 2.30 20.81
N PRO B 95 -5.42 2.50 21.42
CA PRO B 95 -4.79 3.81 21.34
C PRO B 95 -4.59 4.35 19.91
N GLU B 96 -4.27 3.49 18.93
CA GLU B 96 -3.97 3.93 17.56
C GLU B 96 -5.16 4.54 16.84
N ASP B 97 -6.35 4.07 17.21
CA ASP B 97 -7.60 4.56 16.65
C ASP B 97 -7.84 6.06 16.87
N THR B 98 -7.05 6.67 17.74
CA THR B 98 -7.18 8.09 18.05
C THR B 98 -6.85 8.89 16.80
N ALA B 99 -7.82 9.66 16.32
CA ALA B 99 -7.68 10.45 15.11
C ALA B 99 -8.93 11.27 14.88
N VAL B 100 -8.86 12.22 13.95
CA VAL B 100 -10.06 12.84 13.42
C VAL B 100 -10.66 11.89 12.38
N TYR B 101 -11.98 11.72 12.42
CA TYR B 101 -12.69 10.87 11.50
C TYR B 101 -13.57 11.69 10.58
N TYR B 102 -13.39 11.51 9.28
CA TYR B 102 -14.15 12.23 8.29
C TYR B 102 -15.02 11.23 7.54
N CYS B 103 -16.26 11.61 7.25
CA CYS B 103 -17.05 10.84 6.29
C CYS B 103 -16.90 11.45 4.90
N ALA B 104 -16.90 10.57 3.90
CA ALA B 104 -16.92 10.96 2.51
C ALA B 104 -18.06 10.25 1.80
N ALA B 105 -18.47 10.83 0.68
CA ALA B 105 -19.52 10.21 -0.11
C ALA B 105 -19.26 10.40 -1.59
N ALA B 106 -19.73 9.43 -2.37
CA ALA B 106 -19.72 9.48 -3.87
C ALA B 106 -18.33 9.34 -4.50
N PRO B 107 -17.66 8.19 -4.29
CA PRO B 107 -16.31 8.00 -4.83
C PRO B 107 -16.34 8.05 -6.34
N TYR B 108 -15.27 8.57 -6.94
CA TYR B 108 -15.18 8.64 -8.39
C TYR B 108 -13.83 8.15 -8.92
N GLY B 109 -13.05 7.51 -8.05
CA GLY B 109 -11.78 6.91 -8.46
C GLY B 109 -11.98 5.46 -8.81
N ALA B 110 -10.87 4.80 -9.16
CA ALA B 110 -10.87 3.44 -9.65
C ALA B 110 -11.25 2.42 -8.59
N ASN B 111 -11.19 2.80 -7.31
CA ASN B 111 -11.64 1.94 -6.21
C ASN B 111 -11.95 2.82 -5.02
N TRP B 112 -12.49 2.24 -3.96
CA TRP B 112 -13.01 3.02 -2.83
C TRP B 112 -11.99 3.36 -1.75
N TYR B 113 -10.83 2.70 -1.81
CA TYR B 113 -9.70 3.04 -0.94
C TYR B 113 -9.11 4.41 -1.29
N ARG B 114 -9.18 4.82 -2.55
CA ARG B 114 -8.62 6.09 -3.00
C ARG B 114 -9.42 7.26 -2.49
N ASP B 115 -8.72 8.29 -2.01
CA ASP B 115 -9.40 9.41 -1.36
C ASP B 115 -10.04 10.36 -2.37
N GLU B 116 -10.58 9.79 -3.44
CA GLU B 116 -11.28 10.56 -4.45
C GLU B 116 -12.78 10.38 -4.26
N TYR B 117 -13.38 11.34 -3.53
CA TYR B 117 -14.80 11.34 -3.21
C TYR B 117 -15.33 12.74 -3.39
N ALA B 118 -16.51 12.86 -3.99
CA ALA B 118 -17.08 14.16 -4.33
C ALA B 118 -17.49 15.03 -3.12
N TYR B 119 -17.71 14.42 -1.95
CA TYR B 119 -18.17 15.17 -0.77
C TYR B 119 -17.42 14.71 0.46
N TRP B 120 -17.07 15.67 1.33
CA TRP B 120 -16.36 15.36 2.59
C TRP B 120 -16.96 16.06 3.81
N GLY B 121 -17.04 15.34 4.92
CA GLY B 121 -17.35 15.95 6.21
C GLY B 121 -16.16 16.71 6.78
N GLN B 122 -16.40 17.59 7.77
CA GLN B 122 -15.33 18.36 8.43
C GLN B 122 -14.53 17.49 9.38
N GLY B 123 -15.14 16.42 9.85
CA GLY B 123 -14.42 15.44 10.69
C GLY B 123 -14.62 15.67 12.17
N THR B 124 -14.58 14.59 12.95
CA THR B 124 -14.76 14.72 14.38
C THR B 124 -13.74 13.91 15.15
N GLN B 125 -13.33 14.43 16.31
CA GLN B 125 -12.22 13.85 17.06
C GLN B 125 -12.64 12.59 17.82
N VAL B 126 -11.76 11.60 17.81
CA VAL B 126 -11.93 10.40 18.60
C VAL B 126 -10.63 10.19 19.36
N THR B 127 -10.77 9.91 20.66
CA THR B 127 -9.62 9.71 21.54
C THR B 127 -9.82 8.49 22.43
N VAL B 128 -8.79 7.66 22.47
CA VAL B 128 -8.79 6.43 23.25
C VAL B 128 -7.60 6.49 24.21
N SER B 129 -7.88 6.15 25.48
CA SER B 129 -6.88 6.27 26.56
C SER B 129 -6.18 4.95 26.90
N SER B 130 -4.94 5.07 27.40
CA SER B 130 -4.13 3.94 27.90
C SER B 130 -4.29 2.62 27.15
N VAL C 2 -16.01 -21.01 18.09
CA VAL C 2 -17.48 -21.15 18.29
C VAL C 2 -17.90 -22.61 18.15
N LYS C 3 -17.79 -23.42 19.20
CA LYS C 3 -17.07 -23.14 20.46
C LYS C 3 -16.65 -24.48 21.05
N LEU C 4 -15.35 -24.65 21.29
CA LEU C 4 -14.81 -25.93 21.76
C LEU C 4 -14.36 -25.91 23.22
N GLU C 5 -14.86 -26.87 23.98
CA GLU C 5 -14.46 -27.02 25.39
C GLU C 5 -13.77 -28.35 25.68
N GLU C 6 -12.51 -28.25 26.11
CA GLU C 6 -11.71 -29.42 26.42
C GLU C 6 -11.70 -29.77 27.90
N SER C 7 -11.62 -31.07 28.17
CA SER C 7 -11.60 -31.59 29.53
C SER C 7 -10.94 -32.97 29.55
N GLY C 8 -10.51 -33.41 30.72
CA GLY C 8 -10.01 -34.77 30.88
C GLY C 8 -8.50 -34.89 30.97
N GLY C 9 -7.82 -33.75 31.02
CA GLY C 9 -6.37 -33.70 31.22
C GLY C 9 -5.95 -33.71 32.69
N GLY C 10 -4.72 -33.28 32.94
CA GLY C 10 -4.17 -33.25 34.29
C GLY C 10 -2.88 -34.04 34.49
N LEU C 11 -2.72 -34.57 35.70
CA LEU C 11 -1.51 -35.28 36.12
C LEU C 11 -1.74 -36.79 36.08
N VAL C 12 -0.70 -37.54 35.73
CA VAL C 12 -0.83 -38.98 35.60
C VAL C 12 0.53 -39.65 35.54
N GLN C 13 0.66 -40.76 36.26
CA GLN C 13 1.89 -41.55 36.24
C GLN C 13 2.08 -42.19 34.87
N ALA C 14 3.34 -42.29 34.45
CA ALA C 14 3.72 -42.96 33.20
C ALA C 14 3.15 -44.36 33.12
N GLY C 15 3.00 -44.85 31.90
CA GLY C 15 2.35 -46.12 31.62
C GLY C 15 0.83 -46.00 31.72
N GLY C 16 0.36 -44.92 32.36
CA GLY C 16 -1.07 -44.65 32.58
C GLY C 16 -1.87 -44.17 31.36
N SER C 17 -3.13 -43.83 31.59
CA SER C 17 -4.05 -43.51 30.50
C SER C 17 -4.98 -42.36 30.84
N LEU C 18 -5.14 -41.46 29.88
CA LEU C 18 -6.14 -40.41 29.97
C LEU C 18 -6.99 -40.39 28.73
N ARG C 19 -8.22 -39.93 28.88
CA ARG C 19 -9.11 -39.73 27.77
C ARG C 19 -9.42 -38.26 27.69
N LEU C 20 -9.06 -37.64 26.57
CA LEU C 20 -9.38 -36.23 26.33
C LEU C 20 -10.73 -36.06 25.63
N SER C 21 -11.40 -34.95 25.89
CA SER C 21 -12.70 -34.66 25.27
C SER C 21 -12.69 -33.27 24.67
N CYS C 22 -13.43 -33.11 23.58
CA CYS C 22 -13.54 -31.83 22.88
C CYS C 22 -15.02 -31.67 22.59
N ALA C 23 -15.70 -30.94 23.46
CA ALA C 23 -17.14 -30.69 23.31
C ALA C 23 -17.40 -29.43 22.49
N ALA C 24 -18.31 -29.54 21.52
CA ALA C 24 -18.66 -28.40 20.67
C ALA C 24 -20.02 -27.81 21.02
N SER C 25 -20.21 -26.53 20.71
CA SER C 25 -21.43 -25.78 21.06
C SER C 25 -22.58 -25.95 20.05
N GLU C 26 -22.24 -26.03 18.77
CA GLU C 26 -23.24 -26.18 17.72
C GLU C 26 -23.16 -27.54 17.06
N ARG C 27 -24.27 -27.96 16.47
CA ARG C 27 -24.35 -29.25 15.79
C ARG C 27 -23.70 -29.22 14.41
N THR C 28 -23.23 -28.06 13.98
CA THR C 28 -22.56 -27.92 12.67
C THR C 28 -21.13 -28.44 12.73
N PHE C 29 -20.64 -28.63 13.95
CA PHE C 29 -19.35 -29.27 14.25
C PHE C 29 -19.18 -30.62 13.53
N SER C 30 -20.30 -31.33 13.37
CA SER C 30 -20.33 -32.66 12.74
C SER C 30 -19.93 -32.66 11.26
N ARG C 31 -19.97 -31.49 10.65
CA ARG C 31 -19.66 -31.34 9.22
C ARG C 31 -18.18 -31.51 8.89
N TYR C 32 -17.30 -31.25 9.85
CA TYR C 32 -15.88 -31.05 9.57
C TYR C 32 -14.97 -32.00 10.32
N PRO C 33 -13.79 -32.27 9.75
CA PRO C 33 -12.76 -33.03 10.44
C PRO C 33 -12.20 -32.24 11.61
N VAL C 34 -11.87 -32.94 12.70
CA VAL C 34 -11.33 -32.33 13.90
C VAL C 34 -9.99 -32.96 14.20
N ALA C 35 -9.10 -32.21 14.81
CA ALA C 35 -7.74 -32.68 15.05
C ALA C 35 -7.26 -32.36 16.46
N TRP C 36 -6.25 -33.09 16.89
CA TRP C 36 -5.58 -32.76 18.14
C TRP C 36 -4.17 -32.29 17.83
N PHE C 37 -3.80 -31.17 18.44
CA PHE C 37 -2.44 -30.66 18.37
C PHE C 37 -1.91 -30.55 19.79
N ARG C 38 -0.60 -30.48 19.90
CA ARG C 38 0.02 -30.32 21.21
C ARG C 38 1.25 -29.45 21.15
N GLN C 39 1.36 -28.51 22.10
CA GLN C 39 2.58 -27.75 22.24
C GLN C 39 3.31 -27.88 23.57
N ALA C 40 4.62 -28.12 23.45
CA ALA C 40 5.59 -27.93 24.52
C ALA C 40 5.72 -26.42 24.70
N PRO C 41 6.16 -25.96 25.90
CA PRO C 41 6.11 -24.53 26.27
C PRO C 41 6.75 -23.61 25.23
N GLY C 42 5.95 -22.69 24.69
CA GLY C 42 6.43 -21.70 23.71
C GLY C 42 6.83 -22.21 22.32
N ALA C 43 7.04 -23.52 22.21
CA ALA C 43 7.44 -24.17 20.94
C ALA C 43 6.23 -24.46 20.02
N GLU C 44 6.50 -25.20 18.95
CA GLU C 44 5.51 -25.53 17.90
C GLU C 44 4.25 -26.20 18.45
N ARG C 45 3.10 -25.90 17.84
CA ARG C 45 1.92 -26.76 17.92
C ARG C 45 2.11 -27.94 16.95
N GLU C 46 2.44 -29.12 17.47
CA GLU C 46 2.70 -30.27 16.60
C GLU C 46 1.44 -31.12 16.37
N PHE C 47 1.36 -31.72 15.19
CA PHE C 47 0.24 -32.55 14.78
C PHE C 47 0.19 -33.86 15.55
N VAL C 48 -0.99 -34.19 16.10
CA VAL C 48 -1.19 -35.47 16.81
C VAL C 48 -2.06 -36.44 15.99
N ALA C 49 -3.30 -36.02 15.71
CA ALA C 49 -4.24 -36.89 15.02
C ALA C 49 -5.39 -36.09 14.45
N VAL C 50 -5.99 -36.63 13.39
CA VAL C 50 -7.19 -36.04 12.81
C VAL C 50 -8.17 -37.16 12.43
N ILE C 51 -9.47 -36.85 12.52
CA ILE C 51 -10.55 -37.76 12.17
C ILE C 51 -11.55 -37.12 11.21
N SER C 52 -12.00 -37.89 10.23
CA SER C 52 -12.92 -37.34 9.23
C SER C 52 -14.23 -36.88 9.85
N SER C 53 -14.99 -36.12 9.08
CA SER C 53 -16.28 -35.60 9.53
C SER C 53 -17.22 -36.76 9.84
N THR C 54 -17.13 -37.80 9.01
CA THR C 54 -17.92 -39.01 9.13
C THR C 54 -17.54 -39.84 10.35
N GLY C 55 -16.30 -39.67 10.82
CA GLY C 55 -15.77 -40.47 11.91
C GLY C 55 -15.09 -41.73 11.43
N THR C 56 -15.28 -42.01 10.14
CA THR C 56 -14.81 -43.22 9.47
C THR C 56 -13.30 -43.30 9.33
N SER C 57 -12.64 -42.15 9.15
CA SER C 57 -11.26 -42.11 8.67
C SER C 57 -10.33 -41.34 9.61
N THR C 58 -9.11 -41.83 9.79
CA THR C 58 -8.21 -41.19 10.74
C THR C 58 -6.77 -41.19 10.26
N TYR C 59 -5.98 -40.25 10.75
CA TYR C 59 -4.56 -40.17 10.43
C TYR C 59 -3.83 -39.73 11.69
N TYR C 60 -2.68 -40.34 11.94
CA TYR C 60 -1.92 -40.12 13.16
C TYR C 60 -0.47 -39.75 12.87
N ALA C 61 0.13 -38.94 13.74
CA ALA C 61 1.57 -38.70 13.74
C ALA C 61 2.28 -39.98 14.13
N ASP C 62 3.46 -40.22 13.57
CA ASP C 62 4.21 -41.45 13.85
C ASP C 62 4.46 -41.68 15.34
N SER C 63 4.60 -40.59 16.10
CA SER C 63 4.96 -40.61 17.52
C SER C 63 3.84 -41.07 18.48
N VAL C 64 2.60 -41.16 17.97
CA VAL C 64 1.51 -41.64 18.80
C VAL C 64 0.77 -42.82 18.19
N LYS C 65 1.15 -43.20 16.98
CA LYS C 65 0.50 -44.31 16.28
C LYS C 65 0.56 -45.59 17.10
N GLY C 66 -0.61 -46.19 17.36
CA GLY C 66 -0.70 -47.41 18.16
C GLY C 66 -0.91 -47.16 19.65
N ARG C 67 -0.60 -45.96 20.12
CA ARG C 67 -0.79 -45.61 21.53
C ARG C 67 -2.04 -44.74 21.71
N PHE C 68 -2.30 -43.88 20.72
CA PHE C 68 -3.42 -42.94 20.78
C PHE C 68 -4.51 -43.35 19.78
N THR C 69 -5.76 -43.20 20.19
CA THR C 69 -6.89 -43.39 19.29
C THR C 69 -7.76 -42.14 19.37
N ILE C 70 -8.14 -41.61 18.20
CA ILE C 70 -9.03 -40.47 18.08
C ILE C 70 -10.35 -40.97 17.56
N SER C 71 -11.46 -40.37 18.00
CA SER C 71 -12.80 -40.84 17.65
C SER C 71 -13.84 -39.76 17.95
N ARG C 72 -15.05 -39.93 17.42
CA ARG C 72 -16.11 -38.96 17.69
C ARG C 72 -17.49 -39.55 17.88
N ASP C 73 -18.27 -38.90 18.71
CA ASP C 73 -19.67 -39.20 18.87
C ASP C 73 -20.41 -38.00 18.34
N ASN C 74 -20.98 -38.13 17.14
CA ASN C 74 -21.66 -37.02 16.48
C ASN C 74 -22.93 -36.60 17.21
N ALA C 75 -23.64 -37.59 17.74
CA ALA C 75 -24.80 -37.35 18.59
C ALA C 75 -24.45 -36.47 19.80
N LYS C 76 -23.25 -36.66 20.36
CA LYS C 76 -22.77 -35.85 21.48
C LYS C 76 -21.92 -34.66 21.05
N VAL C 77 -21.77 -34.48 19.73
CA VAL C 77 -20.89 -33.47 19.15
C VAL C 77 -19.58 -33.32 19.93
N THR C 78 -18.87 -34.43 20.10
CA THR C 78 -17.66 -34.48 20.89
C THR C 78 -16.63 -35.33 20.18
N VAL C 79 -15.37 -34.90 20.25
CA VAL C 79 -14.24 -35.67 19.73
C VAL C 79 -13.36 -36.08 20.91
N TYR C 80 -12.93 -37.34 20.91
CA TYR C 80 -12.09 -37.84 21.98
C TYR C 80 -10.68 -38.16 21.49
N LEU C 81 -9.71 -38.00 22.39
CA LEU C 81 -8.37 -38.58 22.21
C LEU C 81 -8.05 -39.57 23.34
N GLN C 82 -8.07 -40.85 23.03
CA GLN C 82 -7.73 -41.88 23.99
C GLN C 82 -6.21 -42.02 24.03
N MET C 83 -5.59 -41.56 25.12
CA MET C 83 -4.14 -41.71 25.28
C MET C 83 -3.76 -42.89 26.18
N ASN C 84 -3.14 -43.90 25.58
CA ASN C 84 -2.62 -45.08 26.29
C ASN C 84 -1.10 -45.11 26.27
N ASN C 85 -0.49 -45.97 27.09
CA ASN C 85 0.96 -46.17 27.07
C ASN C 85 1.72 -44.87 27.31
N LEU C 86 1.10 -43.93 28.04
CA LEU C 86 1.63 -42.55 28.15
C LEU C 86 3.09 -42.42 28.57
N LYS C 87 3.92 -41.91 27.65
CA LYS C 87 5.32 -41.63 27.95
C LYS C 87 5.43 -40.26 28.60
N ARG C 88 6.57 -40.01 29.25
CA ARG C 88 6.89 -38.67 29.76
C ARG C 88 6.92 -37.65 28.63
N GLU C 89 7.36 -38.08 27.45
CA GLU C 89 7.47 -37.19 26.30
C GLU C 89 6.12 -36.64 25.81
N ASP C 90 5.01 -37.22 26.29
CA ASP C 90 3.67 -36.78 25.88
C ASP C 90 3.16 -35.62 26.72
N THR C 91 4.03 -35.11 27.59
CA THR C 91 3.70 -33.97 28.41
C THR C 91 3.62 -32.74 27.51
N ALA C 92 2.48 -32.06 27.56
CA ALA C 92 2.21 -30.89 26.71
C ALA C 92 0.82 -30.37 26.98
N VAL C 93 0.51 -29.20 26.42
CA VAL C 93 -0.88 -28.75 26.37
C VAL C 93 -1.46 -29.42 25.12
N TYR C 94 -2.68 -29.92 25.23
CA TYR C 94 -3.34 -30.54 24.09
C TYR C 94 -4.47 -29.66 23.64
N PHE C 95 -4.50 -29.40 22.33
CA PHE C 95 -5.55 -28.62 21.72
C PHE C 95 -6.30 -29.48 20.73
N CYS C 96 -7.62 -29.36 20.73
CA CYS C 96 -8.43 -29.84 19.61
C CYS C 96 -8.83 -28.62 18.75
N ALA C 97 -9.06 -28.85 17.46
CA ALA C 97 -9.34 -27.77 16.54
C ALA C 97 -10.15 -28.22 15.32
N VAL C 98 -11.10 -27.40 14.89
CA VAL C 98 -11.95 -27.71 13.72
C VAL C 98 -11.40 -27.06 12.46
N ASN C 99 -11.48 -27.76 11.33
CA ASN C 99 -11.02 -27.23 10.03
C ASN C 99 -12.11 -27.25 8.96
N SER C 100 -12.66 -26.06 8.65
CA SER C 100 -13.80 -25.91 7.73
C SER C 100 -13.51 -26.26 6.26
N GLN C 101 -12.35 -25.86 5.76
CA GLN C 101 -12.01 -26.08 4.35
C GLN C 101 -11.72 -27.55 4.01
N ARG C 102 -11.58 -28.37 5.05
CA ARG C 102 -11.16 -29.79 4.93
C ARG C 102 -9.80 -29.95 4.23
N THR C 103 -8.96 -28.91 4.32
CA THR C 103 -7.68 -28.83 3.60
C THR C 103 -6.45 -28.82 4.50
N ARG C 104 -5.35 -29.39 4.00
CA ARG C 104 -4.06 -29.44 4.71
C ARG C 104 -4.26 -29.60 6.22
N LEU C 105 -4.69 -30.79 6.62
CA LEU C 105 -5.18 -31.04 7.96
C LEU C 105 -4.07 -31.17 9.02
N GLN C 106 -2.84 -31.41 8.57
CA GLN C 106 -1.69 -31.50 9.47
C GLN C 106 -1.14 -30.13 9.89
N ASP C 107 -1.64 -29.07 9.29
CA ASP C 107 -1.15 -27.73 9.52
C ASP C 107 -2.06 -26.92 10.45
N PRO C 108 -1.55 -26.55 11.64
CA PRO C 108 -2.34 -25.81 12.62
C PRO C 108 -2.97 -24.53 12.04
N ASN C 109 -2.17 -23.76 11.30
CA ASN C 109 -2.59 -22.50 10.69
C ASN C 109 -3.90 -22.64 9.91
N GLU C 110 -4.06 -23.77 9.23
CA GLU C 110 -5.25 -24.06 8.45
C GLU C 110 -6.55 -24.17 9.26
N TYR C 111 -6.44 -24.22 10.59
CA TYR C 111 -7.61 -24.44 11.45
C TYR C 111 -8.32 -23.17 11.87
N ASP C 112 -9.64 -23.23 11.98
CA ASP C 112 -10.47 -22.04 12.23
C ASP C 112 -10.84 -21.87 13.69
N TYR C 113 -11.22 -22.95 14.36
CA TYR C 113 -11.63 -22.88 15.76
C TYR C 113 -10.77 -23.78 16.63
N TRP C 114 -10.50 -23.34 17.87
CA TRP C 114 -9.69 -24.08 18.84
C TRP C 114 -10.38 -24.09 20.19
N GLY C 115 -10.02 -25.08 21.01
CA GLY C 115 -10.42 -25.12 22.42
C GLY C 115 -9.41 -24.36 23.25
N GLN C 116 -9.67 -24.24 24.55
CA GLN C 116 -8.78 -23.50 25.44
C GLN C 116 -7.43 -24.20 25.67
N GLY C 117 -7.40 -25.51 25.48
CA GLY C 117 -6.21 -26.30 25.78
C GLY C 117 -6.33 -26.95 27.14
N THR C 118 -5.83 -28.19 27.24
CA THR C 118 -5.80 -28.89 28.51
C THR C 118 -4.38 -29.40 28.75
N GLN C 119 -3.91 -29.25 29.99
CA GLN C 119 -2.53 -29.57 30.33
C GLN C 119 -2.42 -31.06 30.66
N VAL C 120 -1.43 -31.72 30.08
CA VAL C 120 -1.21 -33.12 30.41
C VAL C 120 0.20 -33.28 30.94
N THR C 121 0.30 -33.81 32.17
CA THR C 121 1.60 -33.98 32.81
C THR C 121 1.79 -35.44 33.24
N VAL C 122 2.89 -36.02 32.79
CA VAL C 122 3.20 -37.44 33.03
C VAL C 122 4.34 -37.60 34.05
N SER C 123 4.07 -38.34 35.13
CA SER C 123 5.01 -38.64 36.23
C SER C 123 5.92 -39.86 35.98
N SER C 124 6.73 -40.20 36.97
CA SER C 124 7.63 -41.35 36.89
C SER C 124 7.60 -42.30 38.13
N HIS C 125 6.74 -41.98 39.09
CA HIS C 125 6.63 -42.73 40.36
C HIS C 125 6.75 -44.25 40.20
N THR D 12 23.37 42.08 -40.29
CA THR D 12 22.75 40.72 -40.44
C THR D 12 22.71 39.94 -39.11
N GLY D 13 21.72 39.07 -38.94
CA GLY D 13 21.54 38.29 -37.71
C GLY D 13 20.65 38.97 -36.68
N MET D 14 20.88 38.67 -35.39
CA MET D 14 20.08 39.27 -34.32
C MET D 14 20.25 40.79 -34.32
N ARG D 15 19.14 41.52 -34.43
CA ARG D 15 19.19 42.98 -34.39
C ARG D 15 18.06 43.56 -33.54
N THR D 16 18.40 43.96 -32.32
CA THR D 16 17.44 44.56 -31.39
C THR D 16 17.50 46.09 -31.43
N ILE D 17 16.51 46.70 -32.05
CA ILE D 17 16.43 48.14 -32.18
C ILE D 17 15.46 48.73 -31.16
N ASP D 18 16.02 49.41 -30.15
CA ASP D 18 15.22 50.01 -29.07
C ASP D 18 14.26 49.01 -28.47
N GLY D 19 14.80 47.87 -28.03
CA GLY D 19 14.01 46.80 -27.40
C GLY D 19 13.32 45.77 -28.30
N LYS D 20 12.87 46.18 -29.49
CA LYS D 20 12.22 45.28 -30.43
C LYS D 20 13.22 44.38 -31.19
N LYS D 21 13.30 43.09 -30.83
CA LYS D 21 14.16 42.07 -31.48
C LYS D 21 13.70 41.70 -32.88
N TYR D 22 14.63 41.82 -33.84
CA TYR D 22 14.43 41.43 -35.24
C TYR D 22 15.50 40.42 -35.67
N TYR D 23 15.22 39.63 -36.69
CA TYR D 23 16.30 38.82 -37.29
C TYR D 23 16.41 39.08 -38.77
N PHE D 24 17.62 39.42 -39.21
CA PHE D 24 17.86 39.77 -40.62
C PHE D 24 18.62 38.69 -41.39
N ASN D 25 18.02 38.23 -42.48
CA ASN D 25 18.67 37.26 -43.33
C ASN D 25 19.78 37.86 -44.21
N THR D 26 19.63 39.11 -44.60
CA THR D 26 20.68 39.84 -45.35
C THR D 26 21.10 41.14 -44.63
N ASN D 27 21.73 42.07 -45.36
CA ASN D 27 22.16 43.34 -44.76
C ASN D 27 21.07 44.41 -44.71
N THR D 28 20.22 44.43 -45.75
CA THR D 28 18.82 44.91 -45.69
C THR D 28 17.90 44.48 -46.86
N ALA D 29 16.84 43.72 -46.55
CA ALA D 29 16.54 43.33 -45.17
C ALA D 29 16.27 41.84 -45.02
N GLU D 30 15.25 41.34 -45.71
CA GLU D 30 14.75 39.98 -45.53
C GLU D 30 14.63 39.66 -44.03
N ALA D 31 13.75 40.39 -43.36
CA ALA D 31 13.49 40.19 -41.95
C ALA D 31 12.66 38.91 -41.79
N ALA D 32 13.14 37.99 -40.95
CA ALA D 32 12.45 36.74 -40.64
C ALA D 32 11.02 36.99 -40.17
N THR D 33 10.09 36.13 -40.60
CA THR D 33 8.75 36.14 -40.03
C THR D 33 8.28 34.76 -39.58
N GLY D 34 7.20 34.73 -38.82
CA GLY D 34 6.63 33.48 -38.34
C GLY D 34 7.53 32.70 -37.40
N TRP D 35 7.27 31.40 -37.31
CA TRP D 35 8.01 30.51 -36.41
C TRP D 35 9.41 30.27 -36.93
N GLN D 36 10.37 30.39 -36.03
CA GLN D 36 11.77 30.24 -36.40
C GLN D 36 12.49 29.60 -35.24
N THR D 37 13.48 28.78 -35.56
CA THR D 37 14.31 28.17 -34.53
C THR D 37 15.68 28.79 -34.66
N ILE D 38 16.21 29.31 -33.56
CA ILE D 38 17.52 29.93 -33.57
C ILE D 38 18.34 29.46 -32.39
N ASP D 39 19.48 28.84 -32.70
CA ASP D 39 20.33 28.19 -31.71
C ASP D 39 19.52 27.23 -30.82
N GLY D 40 18.50 26.59 -31.38
CA GLY D 40 17.74 25.56 -30.66
C GLY D 40 16.55 26.06 -29.89
N LYS D 41 16.27 27.36 -30.01
CA LYS D 41 15.17 27.99 -29.30
C LYS D 41 14.15 28.53 -30.29
N LYS D 42 12.88 28.55 -29.89
CA LYS D 42 11.83 28.95 -30.80
C LYS D 42 11.41 30.38 -30.60
N TYR D 43 11.06 31.03 -31.70
CA TYR D 43 10.67 32.43 -31.72
C TYR D 43 9.50 32.58 -32.66
N TYR D 44 8.63 33.54 -32.40
CA TYR D 44 7.60 33.85 -33.36
C TYR D 44 7.64 35.32 -33.78
N PHE D 45 8.25 35.57 -34.93
CA PHE D 45 8.39 36.94 -35.42
C PHE D 45 7.09 37.39 -36.01
N ASN D 46 6.49 38.43 -35.45
CA ASN D 46 5.13 38.83 -35.88
C ASN D 46 5.14 39.09 -37.39
N THR D 47 4.18 38.50 -38.10
CA THR D 47 4.15 38.56 -39.56
C THR D 47 4.16 39.98 -40.15
N ASN D 48 3.44 40.90 -39.49
CA ASN D 48 3.36 42.31 -39.92
C ASN D 48 4.64 43.11 -39.62
N THR D 49 4.97 43.23 -38.34
CA THR D 49 6.07 44.08 -37.92
C THR D 49 7.41 43.40 -38.08
N SER D 50 7.38 42.07 -38.18
CA SER D 50 8.56 41.21 -38.08
C SER D 50 9.33 41.25 -36.74
N ILE D 51 8.65 41.71 -35.69
CA ILE D 51 9.21 41.85 -34.32
C ILE D 51 8.99 40.59 -33.48
N ALA D 52 10.07 40.02 -32.93
CA ALA D 52 9.97 38.87 -32.00
C ALA D 52 8.91 39.11 -30.93
N SER D 53 7.94 38.20 -30.84
CA SER D 53 6.87 38.25 -29.81
C SER D 53 7.42 38.09 -28.40
N THR D 54 6.82 38.79 -27.43
CA THR D 54 7.20 38.69 -26.02
C THR D 54 5.97 38.58 -25.14
N GLY D 55 6.13 37.92 -24.00
CA GLY D 55 5.05 37.69 -23.04
C GLY D 55 3.92 36.84 -23.64
N TYR D 56 2.74 36.94 -23.02
CA TYR D 56 1.56 36.29 -23.52
C TYR D 56 1.29 36.77 -24.93
N THR D 57 0.93 35.86 -25.82
CA THR D 57 0.84 36.16 -27.23
C THR D 57 -0.18 35.26 -27.91
N ILE D 58 -1.10 35.86 -28.65
CA ILE D 58 -2.09 35.08 -29.41
C ILE D 58 -1.64 34.89 -30.87
N ILE D 59 -1.59 33.64 -31.31
CA ILE D 59 -1.17 33.31 -32.67
C ILE D 59 -2.13 32.29 -33.25
N ASN D 60 -2.80 32.65 -34.33
CA ASN D 60 -3.90 31.87 -34.93
C ASN D 60 -4.95 31.37 -33.94
N ASP D 61 -5.31 32.25 -32.99
CA ASP D 61 -6.32 31.99 -31.95
C ASP D 61 -5.81 31.06 -30.85
N LYS D 62 -4.51 30.81 -30.85
CA LYS D 62 -3.88 29.97 -29.85
C LYS D 62 -3.02 30.79 -28.90
N HIS D 63 -2.82 30.29 -27.69
CA HIS D 63 -2.11 31.01 -26.66
C HIS D 63 -0.71 30.48 -26.48
N PHE D 64 0.27 31.38 -26.52
CA PHE D 64 1.67 31.03 -26.32
C PHE D 64 2.31 31.98 -25.33
N TYR D 65 3.50 31.63 -24.84
CA TYR D 65 4.17 32.47 -23.86
C TYR D 65 5.64 32.59 -24.13
N PHE D 66 6.10 33.83 -24.31
CA PHE D 66 7.50 34.11 -24.61
C PHE D 66 8.12 34.94 -23.53
N ASN D 67 9.36 34.64 -23.17
CA ASN D 67 10.04 35.51 -22.22
C ASN D 67 10.49 36.79 -22.90
N THR D 68 11.07 37.74 -22.16
CA THR D 68 11.39 39.07 -22.70
C THR D 68 12.45 39.03 -23.81
N ASP D 69 13.23 37.95 -23.87
CA ASP D 69 14.17 37.72 -24.97
C ASP D 69 13.49 37.12 -26.20
N GLY D 70 12.19 36.87 -26.10
CA GLY D 70 11.40 36.35 -27.21
C GLY D 70 11.41 34.83 -27.36
N ILE D 71 12.05 34.14 -26.41
CA ILE D 71 12.14 32.68 -26.39
C ILE D 71 10.87 32.09 -25.83
N MET D 72 10.30 31.17 -26.60
CA MET D 72 9.08 30.48 -26.21
C MET D 72 9.34 29.58 -25.03
N GLN D 73 8.39 29.57 -24.10
CA GLN D 73 8.51 28.84 -22.86
C GLN D 73 7.56 27.65 -22.84
N ILE D 74 8.00 26.58 -22.19
CA ILE D 74 7.14 25.45 -21.92
C ILE D 74 6.91 25.30 -20.43
N GLY D 75 5.67 25.41 -20.00
CA GLY D 75 5.37 25.32 -18.58
C GLY D 75 4.10 26.01 -18.21
N VAL D 76 4.05 26.52 -16.99
CA VAL D 76 2.85 27.13 -16.44
C VAL D 76 3.10 28.61 -16.23
N PHE D 77 2.42 29.44 -17.00
CA PHE D 77 2.74 30.85 -16.98
C PHE D 77 1.48 31.66 -16.88
N LYS D 78 1.59 32.81 -16.24
CA LYS D 78 0.45 33.68 -15.98
C LYS D 78 0.12 34.48 -17.23
N GLY D 79 -1.15 34.46 -17.60
CA GLY D 79 -1.67 35.31 -18.66
C GLY D 79 -2.87 36.08 -18.13
N PRO D 80 -3.58 36.80 -19.01
CA PRO D 80 -4.72 37.64 -18.58
C PRO D 80 -5.82 36.85 -17.90
N ASP D 81 -5.84 35.53 -18.09
CA ASP D 81 -6.87 34.68 -17.52
C ASP D 81 -6.33 33.73 -16.46
N GLY D 82 -5.11 34.02 -15.99
CA GLY D 82 -4.48 33.17 -15.00
C GLY D 82 -3.39 32.28 -15.59
N PHE D 83 -2.89 31.36 -14.76
CA PHE D 83 -1.81 30.47 -15.14
C PHE D 83 -2.32 29.37 -16.05
N GLU D 84 -1.76 29.30 -17.25
CA GLU D 84 -2.12 28.28 -18.23
C GLU D 84 -0.98 27.28 -18.43
N TYR D 85 -1.33 26.11 -18.96
CA TYR D 85 -0.31 25.11 -19.25
C TYR D 85 0.16 25.19 -20.70
N PHE D 86 1.32 25.81 -20.89
CA PHE D 86 1.88 25.96 -22.22
C PHE D 86 2.72 24.74 -22.47
N ALA D 87 2.20 23.83 -23.30
CA ALA D 87 2.60 22.41 -23.26
C ALA D 87 3.51 21.98 -24.40
N PRO D 88 4.27 20.92 -24.18
CA PRO D 88 5.01 20.31 -25.27
C PRO D 88 4.03 19.88 -26.36
N ALA D 89 4.49 19.86 -27.61
CA ALA D 89 3.64 19.41 -28.73
C ALA D 89 3.01 18.07 -28.46
N ASN D 90 1.74 17.93 -28.85
CA ASN D 90 1.07 16.64 -28.92
C ASN D 90 0.81 16.11 -27.52
N THR D 91 0.49 17.05 -26.61
CA THR D 91 0.09 16.70 -25.27
C THR D 91 -1.42 16.59 -25.20
N ASP D 92 -2.12 17.40 -26.00
CA ASP D 92 -3.60 17.37 -26.05
C ASP D 92 -4.07 17.97 -27.37
N ALA D 93 -4.97 17.25 -28.05
CA ALA D 93 -5.52 17.70 -29.34
C ALA D 93 -4.43 18.12 -30.34
N ASN D 94 -3.38 17.32 -30.45
CA ASN D 94 -2.25 17.62 -31.35
C ASN D 94 -1.81 19.10 -31.30
N ASN D 95 -1.67 19.65 -30.10
CA ASN D 95 -1.21 21.02 -29.96
C ASN D 95 0.21 21.18 -30.47
N ILE D 96 0.54 22.35 -30.98
CA ILE D 96 1.93 22.61 -31.35
C ILE D 96 2.71 23.00 -30.10
N GLU D 97 4.04 22.98 -30.20
CA GLU D 97 4.89 23.28 -29.06
C GLU D 97 4.54 24.62 -28.44
N GLY D 98 4.27 24.62 -27.13
CA GLY D 98 4.10 25.85 -26.36
C GLY D 98 2.67 26.34 -26.30
N GLN D 99 1.77 25.60 -26.92
CA GLN D 99 0.38 26.00 -26.99
C GLN D 99 -0.35 25.67 -25.70
N ALA D 100 -1.01 26.66 -25.11
CA ALA D 100 -1.82 26.41 -23.92
C ALA D 100 -2.86 25.36 -24.27
N ILE D 101 -2.96 24.33 -23.44
CA ILE D 101 -3.92 23.25 -23.71
C ILE D 101 -5.08 23.15 -22.72
N ARG D 102 -6.11 22.41 -23.10
CA ARG D 102 -7.11 21.95 -22.15
C ARG D 102 -6.44 20.93 -21.21
N TYR D 103 -6.67 21.11 -19.90
CA TYR D 103 -6.11 20.29 -18.84
C TYR D 103 -6.94 20.57 -17.59
N GLN D 104 -7.83 19.63 -17.22
CA GLN D 104 -8.91 19.94 -16.28
C GLN D 104 -8.96 19.05 -15.05
N ASN D 105 -9.18 19.67 -13.90
CA ASN D 105 -9.42 18.96 -12.63
C ASN D 105 -8.44 17.85 -12.37
N ARG D 106 -7.15 18.16 -12.48
CA ARG D 106 -6.13 17.17 -12.19
C ARG D 106 -4.86 17.86 -11.81
N PHE D 107 -3.90 17.10 -11.30
CA PHE D 107 -2.62 17.69 -10.94
C PHE D 107 -1.73 17.73 -12.17
N LEU D 108 -0.74 18.62 -12.17
CA LEU D 108 0.28 18.61 -13.21
C LEU D 108 1.62 18.60 -12.51
N TYR D 109 2.51 17.71 -12.96
CA TYR D 109 3.84 17.61 -12.38
C TYR D 109 4.94 17.89 -13.39
N LEU D 110 5.68 18.98 -13.18
CA LEU D 110 6.85 19.33 -13.99
C LEU D 110 8.07 19.46 -13.08
N HIS D 111 9.20 18.95 -13.55
CA HIS D 111 10.39 18.84 -12.73
C HIS D 111 9.98 18.34 -11.34
N ASP D 112 10.14 19.16 -10.32
CA ASP D 112 9.77 18.76 -8.97
C ASP D 112 8.70 19.67 -8.42
N ASN D 113 7.90 20.23 -9.32
CA ASN D 113 6.84 21.15 -8.95
C ASN D 113 5.47 20.54 -9.16
N ILE D 114 4.56 20.88 -8.25
CA ILE D 114 3.21 20.41 -8.34
C ILE D 114 2.31 21.58 -8.66
N TYR D 115 1.39 21.37 -9.60
CA TYR D 115 0.36 22.34 -9.86
C TYR D 115 -0.99 21.65 -9.76
N TYR D 116 -2.04 22.43 -9.55
CA TYR D 116 -3.36 21.88 -9.63
C TYR D 116 -4.22 22.69 -10.59
N PHE D 117 -4.88 21.98 -11.51
CA PHE D 117 -5.68 22.66 -12.53
C PHE D 117 -7.17 22.41 -12.34
N GLY D 118 -7.93 23.50 -12.35
CA GLY D 118 -9.38 23.46 -12.14
C GLY D 118 -10.16 23.26 -13.42
N ASN D 119 -11.47 23.54 -13.37
CA ASN D 119 -12.34 23.26 -14.49
C ASN D 119 -12.09 24.09 -15.75
N ASN D 120 -11.58 25.30 -15.55
CA ASN D 120 -11.26 26.24 -16.62
C ASN D 120 -9.84 26.07 -17.21
N SER D 121 -9.16 24.99 -16.83
CA SER D 121 -7.79 24.74 -17.25
C SER D 121 -6.83 25.82 -16.80
N LYS D 122 -7.08 26.45 -15.67
CA LYS D 122 -6.13 27.41 -15.12
C LYS D 122 -5.59 26.82 -13.84
N ALA D 123 -4.32 27.09 -13.54
CA ALA D 123 -3.72 26.56 -12.32
C ALA D 123 -4.20 27.32 -11.11
N ALA D 124 -4.52 26.59 -10.04
CA ALA D 124 -4.99 27.18 -8.79
C ALA D 124 -3.90 27.94 -8.08
N THR D 125 -4.29 29.02 -7.40
CA THR D 125 -3.35 29.82 -6.59
C THR D 125 -4.01 30.10 -5.26
N GLY D 126 -3.19 30.39 -4.24
CA GLY D 126 -3.69 30.56 -2.90
C GLY D 126 -4.14 29.22 -2.33
N TRP D 127 -5.00 29.30 -1.31
CA TRP D 127 -5.61 28.14 -0.69
C TRP D 127 -6.64 27.47 -1.60
N VAL D 128 -6.49 26.15 -1.75
CA VAL D 128 -7.40 25.37 -2.56
C VAL D 128 -7.74 24.08 -1.83
N THR D 129 -8.99 23.65 -1.91
CA THR D 129 -9.40 22.41 -1.28
C THR D 129 -9.60 21.35 -2.35
N ILE D 130 -8.83 20.27 -2.25
CA ILE D 130 -8.93 19.18 -3.20
C ILE D 130 -9.20 17.90 -2.42
N ASP D 131 -10.33 17.26 -2.72
CA ASP D 131 -10.74 16.05 -2.01
C ASP D 131 -10.71 16.27 -0.52
N GLY D 132 -11.30 17.39 -0.07
CA GLY D 132 -11.44 17.62 1.37
C GLY D 132 -10.19 18.13 2.08
N ARG D 133 -9.08 18.21 1.37
CA ARG D 133 -7.84 18.73 1.97
C ARG D 133 -7.42 20.09 1.44
N ARG D 134 -6.89 20.89 2.35
CA ARG D 134 -6.47 22.26 2.09
C ARG D 134 -5.03 22.26 1.58
N TYR D 135 -4.84 22.78 0.36
CA TYR D 135 -3.54 22.91 -0.30
C TYR D 135 -3.26 24.42 -0.47
N TYR D 136 -2.00 24.78 -0.60
CA TYR D 136 -1.63 26.14 -0.97
C TYR D 136 -0.61 26.15 -2.12
N PHE D 137 -0.91 26.93 -3.16
CA PHE D 137 -0.01 27.11 -4.30
C PHE D 137 0.39 28.57 -4.44
N GLU D 138 1.69 28.82 -4.54
CA GLU D 138 2.22 30.18 -4.55
C GLU D 138 1.51 31.04 -5.57
N PRO D 139 1.02 32.20 -5.16
CA PRO D 139 0.29 33.09 -6.07
C PRO D 139 1.13 33.65 -7.21
N ASN D 140 2.46 33.65 -7.02
CA ASN D 140 3.38 34.17 -8.03
C ASN D 140 3.65 33.22 -9.18
N THR D 141 3.63 31.92 -8.88
CA THR D 141 4.10 30.89 -9.80
C THR D 141 3.12 29.74 -9.93
N ALA D 142 2.12 29.68 -9.05
CA ALA D 142 1.17 28.58 -8.99
C ALA D 142 1.79 27.26 -8.52
N ILE D 143 3.07 27.33 -8.09
CA ILE D 143 3.78 26.13 -7.64
C ILE D 143 3.42 25.76 -6.21
N GLY D 144 3.25 24.46 -5.92
CA GLY D 144 3.00 24.00 -4.55
C GLY D 144 3.94 24.63 -3.53
N ALA D 145 3.44 25.10 -2.41
CA ALA D 145 4.31 25.61 -1.36
C ALA D 145 5.23 24.51 -0.80
N ASN D 146 6.47 24.89 -0.45
CA ASN D 146 7.31 24.02 0.36
C ASN D 146 8.05 24.77 1.48
N GLY D 147 8.25 24.08 2.61
CA GLY D 147 9.02 24.59 3.74
C GLY D 147 8.25 25.63 4.53
N TYR D 148 8.98 26.38 5.36
CA TYR D 148 8.37 27.32 6.28
C TYR D 148 7.72 28.42 5.50
N LYS D 149 6.55 28.84 5.96
CA LYS D 149 5.77 29.83 5.25
C LYS D 149 4.84 30.57 6.23
N ILE D 150 4.80 31.91 6.10
CA ILE D 150 3.89 32.74 6.87
C ILE D 150 2.83 33.19 5.92
N ILE D 151 1.57 32.90 6.23
CA ILE D 151 0.44 33.30 5.39
C ILE D 151 -0.65 33.89 6.28
N ASP D 152 -0.92 35.19 6.10
CA ASP D 152 -1.90 35.92 6.91
C ASP D 152 -1.63 35.76 8.43
N ASN D 153 -0.40 36.08 8.81
CA ASN D 153 0.06 35.99 10.20
C ASN D 153 -0.05 34.61 10.83
N LYS D 154 -0.22 33.59 9.99
CA LYS D 154 -0.18 32.22 10.47
C LYS D 154 1.04 31.47 9.87
N ASN D 155 1.70 30.67 10.70
CA ASN D 155 2.88 29.91 10.25
C ASN D 155 2.58 28.49 9.85
N PHE D 156 3.16 28.06 8.73
CA PHE D 156 2.94 26.71 8.25
C PHE D 156 4.24 26.11 7.79
N TYR D 157 4.31 24.79 7.77
CA TYR D 157 5.45 24.12 7.20
C TYR D 157 4.92 23.16 6.14
N PHE D 158 5.07 23.57 4.89
CA PHE D 158 4.47 22.83 3.78
C PHE D 158 5.41 21.75 3.26
N ARG D 159 4.81 20.69 2.74
CA ARG D 159 5.53 19.72 1.90
C ARG D 159 4.60 19.45 0.74
N ASN D 160 5.07 19.66 -0.48
CA ASN D 160 4.27 19.36 -1.66
C ASN D 160 2.90 20.03 -1.64
N GLY D 161 2.84 21.26 -1.14
CA GLY D 161 1.57 22.02 -1.10
C GLY D 161 0.67 21.74 0.09
N LEU D 162 1.02 20.71 0.86
CA LEU D 162 0.24 20.37 2.06
C LEU D 162 0.94 20.79 3.34
N PRO D 163 0.22 21.52 4.20
CA PRO D 163 0.72 21.87 5.53
C PRO D 163 0.96 20.62 6.35
N GLN D 164 2.18 20.42 6.84
CA GLN D 164 2.52 19.30 7.74
C GLN D 164 2.18 19.55 9.21
N ILE D 165 1.76 18.50 9.90
CA ILE D 165 1.57 18.52 11.34
C ILE D 165 2.80 17.88 11.96
N GLY D 166 3.43 18.58 12.91
CA GLY D 166 4.61 18.10 13.59
C GLY D 166 5.50 19.21 14.11
N VAL D 167 6.79 18.91 14.24
CA VAL D 167 7.74 19.84 14.83
C VAL D 167 8.87 20.04 13.85
N PHE D 168 8.90 21.23 13.25
CA PHE D 168 9.83 21.55 12.17
C PHE D 168 10.52 22.88 12.41
N LYS D 169 11.71 23.02 11.84
CA LYS D 169 12.58 24.17 12.06
C LYS D 169 12.24 25.31 11.12
N GLY D 170 11.81 26.43 11.69
CA GLY D 170 11.64 27.67 10.96
C GLY D 170 12.85 28.59 11.15
N PRO D 171 12.73 29.87 10.77
CA PRO D 171 13.81 30.84 10.95
C PRO D 171 14.06 31.21 12.41
N ASN D 172 13.11 30.90 13.28
CA ASN D 172 13.26 31.16 14.71
C ASN D 172 13.28 29.88 15.55
N GLY D 173 13.63 28.77 14.92
CA GLY D 173 13.70 27.47 15.61
C GLY D 173 12.48 26.59 15.42
N PHE D 174 12.51 25.42 16.05
CA PHE D 174 11.45 24.44 15.97
C PHE D 174 10.13 24.92 16.57
N GLU D 175 9.13 25.15 15.71
CA GLU D 175 7.77 25.41 16.16
C GLU D 175 6.89 24.15 16.10
N TYR D 176 5.73 24.21 16.74
CA TYR D 176 4.79 23.10 16.76
C TYR D 176 3.65 23.41 15.84
N PHE D 177 3.66 22.76 14.67
CA PHE D 177 2.59 22.90 13.68
C PHE D 177 1.56 21.82 13.97
N ALA D 178 0.38 22.26 14.40
CA ALA D 178 -0.50 21.41 15.19
C ALA D 178 -1.73 20.92 14.44
N PRO D 179 -2.29 19.78 14.91
CA PRO D 179 -3.58 19.37 14.40
C PRO D 179 -4.55 20.50 14.65
N ALA D 180 -5.58 20.64 13.81
CA ALA D 180 -6.62 21.62 14.05
C ALA D 180 -7.16 21.47 15.45
N ASN D 181 -7.58 22.58 16.06
CA ASN D 181 -8.31 22.58 17.33
C ASN D 181 -7.47 22.20 18.55
N THR D 182 -6.17 22.38 18.44
CA THR D 182 -5.27 22.15 19.56
C THR D 182 -5.22 23.39 20.47
N ASP D 183 -5.21 24.57 19.89
CA ASP D 183 -5.27 25.79 20.67
C ASP D 183 -6.15 26.80 19.99
N ALA D 184 -7.35 26.96 20.54
CA ALA D 184 -8.31 27.96 20.07
C ALA D 184 -8.66 27.76 18.61
N ASN D 185 -9.21 26.59 18.29
CA ASN D 185 -9.73 26.34 16.94
C ASN D 185 -8.73 26.56 15.80
N ASN D 186 -7.42 26.51 16.09
CA ASN D 186 -6.37 26.62 15.06
C ASN D 186 -6.64 25.65 13.91
N ILE D 187 -6.13 25.95 12.72
CA ILE D 187 -6.36 25.03 11.60
C ILE D 187 -5.21 24.05 11.44
N ASP D 188 -5.48 22.97 10.71
CA ASP D 188 -4.53 21.89 10.47
C ASP D 188 -3.17 22.45 10.03
N GLY D 189 -2.12 22.13 10.78
CA GLY D 189 -0.77 22.54 10.43
C GLY D 189 -0.33 23.94 10.84
N GLN D 190 -1.23 24.71 11.44
CA GLN D 190 -0.88 26.04 11.94
C GLN D 190 -0.02 25.97 13.20
N ALA D 191 1.11 26.69 13.20
CA ALA D 191 1.96 26.85 14.39
C ALA D 191 1.19 27.52 15.54
N ILE D 192 1.40 27.02 16.75
CA ILE D 192 0.62 27.46 17.90
C ILE D 192 1.46 27.85 19.11
N ARG D 193 0.85 28.64 20.01
CA ARG D 193 1.38 28.89 21.35
C ARG D 193 1.41 27.56 22.09
N TYR D 194 2.59 27.21 22.62
CA TYR D 194 2.81 25.96 23.35
C TYR D 194 4.00 26.20 24.28
N GLN D 195 3.69 26.52 25.54
CA GLN D 195 4.66 27.11 26.48
C GLN D 195 5.10 26.20 27.65
N ASN D 196 6.42 25.98 27.76
CA ASN D 196 6.97 25.22 28.89
C ASN D 196 6.23 23.89 29.06
N ARG D 197 6.21 23.08 28.00
CA ARG D 197 5.42 21.84 27.98
C ARG D 197 6.09 20.77 27.16
N PHE D 198 5.92 19.53 27.58
CA PHE D 198 6.30 18.41 26.74
C PHE D 198 5.26 18.24 25.64
N LEU D 199 5.68 17.61 24.55
CA LEU D 199 4.77 17.15 23.53
C LEU D 199 5.15 15.73 23.16
N HIS D 200 4.16 14.84 23.16
CA HIS D 200 4.33 13.48 22.65
C HIS D 200 3.58 13.40 21.34
N LEU D 201 4.24 12.87 20.33
CA LEU D 201 3.69 12.77 19.00
C LEU D 201 4.51 11.74 18.26
N LEU D 202 3.84 10.75 17.66
CA LEU D 202 4.51 9.70 16.88
C LEU D 202 5.56 8.95 17.69
N GLY D 203 5.38 8.85 19.00
CA GLY D 203 6.34 8.15 19.86
C GLY D 203 7.63 8.94 20.10
N ASN D 204 7.66 10.17 19.62
CA ASN D 204 8.75 11.08 19.89
C ASN D 204 8.37 11.99 21.05
N ILE D 205 9.39 12.53 21.71
CA ILE D 205 9.20 13.46 22.82
C ILE D 205 9.93 14.76 22.61
N TYR D 206 9.24 15.85 22.91
CA TYR D 206 9.71 17.21 22.71
C TYR D 206 9.45 18.01 23.97
N TYR D 207 10.16 19.12 24.11
CA TYR D 207 9.88 20.08 25.16
C TYR D 207 9.96 21.47 24.60
N PHE D 208 8.95 22.25 24.90
CA PHE D 208 8.90 23.59 24.35
C PHE D 208 9.15 24.62 25.43
N GLY D 209 10.06 25.56 25.12
CA GLY D 209 10.41 26.64 26.04
C GLY D 209 9.29 27.64 26.27
N ASN D 210 9.63 28.77 26.87
CA ASN D 210 8.62 29.82 27.10
C ASN D 210 8.30 30.64 25.83
N ASN D 211 9.19 30.55 24.84
CA ASN D 211 9.01 31.21 23.53
C ASN D 211 8.23 30.35 22.52
N SER D 212 7.71 29.20 22.98
CA SER D 212 7.05 28.21 22.11
C SER D 212 7.97 27.59 21.05
N LYS D 213 9.21 27.29 21.43
CA LYS D 213 10.14 26.63 20.53
C LYS D 213 10.67 25.39 21.24
N ALA D 214 10.84 24.32 20.49
CA ALA D 214 11.40 23.09 21.05
C ALA D 214 12.82 23.41 21.49
N VAL D 215 13.20 22.92 22.66
CA VAL D 215 14.55 23.08 23.15
C VAL D 215 15.44 21.98 22.59
N THR D 216 16.73 22.26 22.38
CA THR D 216 17.67 21.24 21.91
C THR D 216 18.83 21.15 22.89
N GLY D 217 19.56 20.05 22.85
CA GLY D 217 20.72 19.81 23.69
C GLY D 217 20.38 19.16 25.02
N TRP D 218 21.32 19.20 25.95
CA TRP D 218 21.08 18.78 27.33
C TRP D 218 20.12 19.74 28.03
N GLN D 219 19.15 19.19 28.76
CA GLN D 219 18.14 20.00 29.43
C GLN D 219 17.75 19.31 30.72
N THR D 220 17.57 20.11 31.76
CA THR D 220 17.06 19.63 33.04
C THR D 220 15.67 20.23 33.22
N ILE D 221 14.70 19.37 33.47
CA ILE D 221 13.31 19.72 33.62
C ILE D 221 12.79 18.85 34.76
N ASN D 222 12.20 19.51 35.76
CA ASN D 222 11.69 18.86 36.98
C ASN D 222 12.54 17.71 37.49
N GLY D 223 13.76 18.01 37.89
CA GLY D 223 14.62 16.98 38.47
C GLY D 223 15.40 16.13 37.48
N ASN D 224 14.83 15.87 36.30
CA ASN D 224 15.45 14.94 35.35
C ASN D 224 16.16 15.60 34.17
N MET D 225 17.20 14.94 33.67
CA MET D 225 17.95 15.39 32.51
C MET D 225 17.54 14.67 31.21
N TYR D 226 17.55 15.44 30.12
CA TYR D 226 17.16 14.97 28.79
C TYR D 226 18.18 15.47 27.77
N TYR D 227 18.37 14.71 26.70
CA TYR D 227 19.11 15.21 25.58
C TYR D 227 18.18 15.22 24.38
N PHE D 228 17.78 16.43 23.98
CA PHE D 228 17.01 16.63 22.75
C PHE D 228 17.96 16.81 21.55
N MET D 229 17.88 15.91 20.59
CA MET D 229 18.78 15.94 19.43
C MET D 229 18.64 17.25 18.64
N PRO D 230 19.79 17.87 18.30
CA PRO D 230 19.75 19.14 17.58
C PRO D 230 19.08 19.11 16.20
N ASP D 231 19.21 18.00 15.46
CA ASP D 231 18.66 17.87 14.11
C ASP D 231 17.15 17.98 14.09
N THR D 232 16.50 17.30 15.04
CA THR D 232 15.05 17.13 15.03
C THR D 232 14.35 17.58 16.32
N ALA D 233 15.12 17.92 17.35
CA ALA D 233 14.59 18.25 18.68
C ALA D 233 13.88 17.06 19.37
N MET D 234 14.02 15.85 18.82
CA MET D 234 13.47 14.64 19.45
C MET D 234 14.34 14.24 20.64
N ALA D 235 13.71 13.97 21.78
CA ALA D 235 14.42 13.40 22.91
C ALA D 235 15.07 12.07 22.55
N ALA D 236 16.31 11.86 23.01
CA ALA D 236 16.90 10.53 23.01
C ALA D 236 16.13 9.69 24.00
N ALA D 237 15.65 8.53 23.56
CA ALA D 237 14.74 7.72 24.40
C ALA D 237 14.72 6.27 24.04
N GLY D 238 14.40 5.45 25.04
CA GLY D 238 14.27 4.01 24.86
C GLY D 238 15.53 3.30 24.45
N GLY D 239 16.62 3.53 25.18
CA GLY D 239 17.84 2.78 24.91
C GLY D 239 19.14 3.53 25.08
N LEU D 240 20.15 3.05 24.35
CA LEU D 240 21.53 3.52 24.47
C LEU D 240 21.91 4.42 23.33
N PHE D 241 22.55 5.53 23.66
CA PHE D 241 22.92 6.53 22.69
C PHE D 241 24.32 7.00 22.98
N GLU D 242 25.10 7.26 21.93
CA GLU D 242 26.37 7.94 22.10
C GLU D 242 26.16 9.41 21.80
N ILE D 243 26.35 10.25 22.80
CA ILE D 243 26.08 11.66 22.60
C ILE D 243 27.31 12.45 22.18
N ASP D 244 28.33 12.54 23.03
CA ASP D 244 29.54 13.23 22.60
C ASP D 244 30.76 12.37 22.87
N GLY D 245 30.84 11.26 22.15
CA GLY D 245 31.83 10.22 22.43
C GLY D 245 31.58 9.44 23.71
N VAL D 246 30.44 9.68 24.37
CA VAL D 246 30.04 8.94 25.56
C VAL D 246 28.64 8.34 25.41
N ILE D 247 28.51 7.08 25.80
CA ILE D 247 27.26 6.34 25.75
C ILE D 247 26.48 6.57 27.04
N TYR D 248 25.18 6.83 26.89
CA TYR D 248 24.29 6.95 28.04
C TYR D 248 23.06 6.10 27.81
N PHE D 249 22.35 5.81 28.89
CA PHE D 249 21.08 5.12 28.83
C PHE D 249 19.91 6.07 29.11
N PHE D 250 18.89 6.00 28.25
CA PHE D 250 17.68 6.80 28.43
C PHE D 250 16.45 5.92 28.53
N GLY D 251 15.58 6.26 29.47
CA GLY D 251 14.31 5.57 29.63
C GLY D 251 13.41 5.76 28.42
N VAL D 252 12.24 5.14 28.46
CA VAL D 252 11.27 5.28 27.40
C VAL D 252 10.67 6.69 27.42
N ASP D 253 10.80 7.36 28.56
CA ASP D 253 10.31 8.72 28.71
C ASP D 253 11.40 9.77 28.42
N GLY D 254 12.56 9.32 27.94
CA GLY D 254 13.67 10.22 27.62
C GLY D 254 14.60 10.65 28.76
N VAL D 255 14.24 10.34 30.00
CA VAL D 255 15.06 10.69 31.17
C VAL D 255 16.39 9.91 31.21
N LYS D 256 17.51 10.64 31.26
CA LYS D 256 18.83 10.01 31.40
C LYS D 256 18.96 9.27 32.72
N ALA D 257 19.32 7.98 32.62
CA ALA D 257 19.60 7.16 33.78
C ALA D 257 20.81 7.69 34.53
N PRO D 258 20.63 8.04 35.81
CA PRO D 258 21.71 8.56 36.65
C PRO D 258 22.96 7.64 36.66
N GLY D 259 22.73 6.33 36.82
CA GLY D 259 23.79 5.34 36.95
C GLY D 259 24.85 5.32 35.85
N GLN E 8 0.80 7.27 -32.33
CA GLN E 8 1.39 8.64 -32.31
C GLN E 8 2.22 8.80 -31.03
N VAL E 9 1.59 8.76 -29.85
CA VAL E 9 2.40 8.73 -28.61
C VAL E 9 2.60 7.28 -28.10
N GLN E 10 3.85 6.88 -27.89
CA GLN E 10 4.18 5.49 -27.52
C GLN E 10 5.25 5.36 -26.44
N LEU E 11 4.99 4.47 -25.50
CA LEU E 11 5.96 4.05 -24.50
C LEU E 11 6.28 2.58 -24.73
N VAL E 12 7.51 2.28 -25.08
CA VAL E 12 7.85 0.97 -25.60
C VAL E 12 8.79 0.24 -24.63
N GLU E 13 8.23 -0.71 -23.89
CA GLU E 13 9.00 -1.45 -22.89
C GLU E 13 9.93 -2.42 -23.56
N SER E 14 11.06 -2.65 -22.91
CA SER E 14 12.16 -3.42 -23.47
C SER E 14 13.02 -3.95 -22.34
N GLY E 15 13.55 -5.15 -22.50
CA GLY E 15 14.55 -5.67 -21.56
C GLY E 15 14.05 -6.72 -20.59
N GLY E 16 12.84 -7.25 -20.83
CA GLY E 16 12.23 -8.24 -19.94
C GLY E 16 12.76 -9.66 -20.06
N GLY E 17 11.89 -10.63 -19.81
CA GLY E 17 12.22 -12.04 -20.06
C GLY E 17 12.56 -12.87 -18.85
N LEU E 18 12.87 -14.14 -19.10
CA LEU E 18 13.17 -15.12 -18.06
C LEU E 18 14.48 -14.83 -17.34
N ALA E 19 14.45 -14.85 -16.01
CA ALA E 19 15.67 -14.66 -15.22
C ALA E 19 15.65 -15.53 -13.97
N GLN E 20 16.84 -15.74 -13.40
CA GLN E 20 16.96 -16.65 -12.28
C GLN E 20 17.00 -15.92 -10.98
N ALA E 21 16.27 -16.44 -10.00
CA ALA E 21 16.31 -15.89 -8.66
C ALA E 21 17.72 -15.43 -8.30
N GLY E 22 17.81 -14.22 -7.73
CA GLY E 22 19.10 -13.63 -7.37
C GLY E 22 19.74 -12.91 -8.53
N GLY E 23 19.24 -13.16 -9.74
CA GLY E 23 19.73 -12.47 -10.94
C GLY E 23 19.24 -11.03 -11.04
N SER E 24 19.58 -10.38 -12.15
CA SER E 24 19.23 -8.99 -12.35
C SER E 24 18.88 -8.65 -13.81
N LEU E 25 17.80 -7.89 -14.01
CA LEU E 25 17.36 -7.39 -15.33
C LEU E 25 17.31 -5.88 -15.37
N ARG E 26 17.31 -5.30 -16.57
CA ARG E 26 17.17 -3.85 -16.74
C ARG E 26 16.08 -3.53 -17.74
N LEU E 27 14.93 -3.04 -17.28
CA LEU E 27 13.88 -2.61 -18.19
C LEU E 27 14.16 -1.20 -18.74
N SER E 28 13.77 -0.98 -19.99
CA SER E 28 13.87 0.33 -20.65
C SER E 28 12.52 0.70 -21.20
N CYS E 29 12.14 1.95 -21.02
CA CYS E 29 10.92 2.42 -21.62
C CYS E 29 11.28 3.62 -22.47
N ALA E 30 11.38 3.41 -23.79
CA ALA E 30 11.64 4.50 -24.73
C ALA E 30 10.32 5.14 -25.15
N ALA E 31 10.24 6.45 -25.01
CA ALA E 31 8.99 7.15 -25.34
C ALA E 31 9.14 7.94 -26.63
N SER E 32 8.03 8.09 -27.36
CA SER E 32 8.07 8.89 -28.59
C SER E 32 6.72 9.46 -28.99
N GLY E 33 6.78 10.52 -29.79
CA GLY E 33 5.59 11.25 -30.23
C GLY E 33 5.40 12.56 -29.49
N ARG E 34 6.10 12.70 -28.35
CA ARG E 34 6.21 13.96 -27.65
C ARG E 34 7.37 13.89 -26.68
N THR E 35 7.79 15.03 -26.15
CA THR E 35 8.91 15.11 -25.18
C THR E 35 8.40 14.91 -23.77
N PHE E 36 9.08 14.05 -23.03
CA PHE E 36 8.71 13.75 -21.65
C PHE E 36 9.75 14.33 -20.68
N SER E 37 10.55 15.27 -21.16
CA SER E 37 11.69 15.78 -20.40
C SER E 37 11.30 16.54 -19.13
N MET E 38 10.00 16.80 -18.93
CA MET E 38 9.57 17.46 -17.70
C MET E 38 8.63 16.59 -16.89
N ASP E 39 8.25 15.46 -17.46
CA ASP E 39 7.24 14.58 -16.88
C ASP E 39 7.86 13.54 -15.94
N PRO E 40 7.17 13.23 -14.85
CA PRO E 40 7.60 12.09 -14.08
C PRO E 40 7.25 10.83 -14.85
N MET E 41 8.11 9.82 -14.74
CA MET E 41 7.81 8.51 -15.29
C MET E 41 7.93 7.46 -14.20
N ALA E 42 7.45 6.26 -14.49
CA ALA E 42 7.19 5.27 -13.44
C ALA E 42 7.00 3.85 -14.01
N TRP E 43 7.01 2.87 -13.11
CA TRP E 43 6.69 1.47 -13.47
C TRP E 43 5.65 0.90 -12.53
N PHE E 44 4.72 0.17 -13.11
CA PHE E 44 3.76 -0.61 -12.36
C PHE E 44 3.94 -2.03 -12.85
N ARG E 45 3.35 -2.97 -12.13
CA ARG E 45 3.40 -4.37 -12.54
C ARG E 45 2.13 -5.12 -12.17
N GLN E 46 1.87 -6.16 -12.94
CA GLN E 46 0.73 -7.02 -12.73
C GLN E 46 1.24 -8.45 -12.58
N PRO E 47 1.29 -8.95 -11.33
CA PRO E 47 1.64 -10.36 -11.12
C PRO E 47 0.46 -11.19 -11.61
N PRO E 48 0.74 -12.36 -12.22
CA PRO E 48 -0.32 -13.20 -12.79
C PRO E 48 -1.37 -13.61 -11.77
N GLY E 49 -2.63 -13.21 -12.00
CA GLY E 49 -3.73 -13.62 -11.15
C GLY E 49 -4.02 -12.59 -10.09
N LYS E 50 -3.16 -11.58 -10.03
CA LYS E 50 -3.33 -10.46 -9.10
C LYS E 50 -3.52 -9.20 -9.91
N GLU E 51 -3.95 -8.13 -9.26
CA GLU E 51 -4.21 -6.87 -9.96
C GLU E 51 -2.93 -6.03 -10.06
N ARG E 52 -2.97 -4.99 -10.89
CA ARG E 52 -1.80 -4.14 -11.14
C ARG E 52 -1.43 -3.38 -9.86
N GLU E 53 -0.14 -3.16 -9.67
CA GLU E 53 0.35 -2.50 -8.47
C GLU E 53 1.53 -1.57 -8.79
N PHE E 54 1.70 -0.51 -8.00
CA PHE E 54 2.84 0.41 -8.11
C PHE E 54 4.16 -0.32 -7.93
N VAL E 55 5.22 0.18 -8.59
CA VAL E 55 6.59 -0.29 -8.32
C VAL E 55 7.57 0.87 -8.03
N ALA E 56 7.77 1.77 -8.98
CA ALA E 56 8.66 2.93 -8.79
C ALA E 56 8.18 4.14 -9.62
N ALA E 57 8.60 5.34 -9.20
CA ALA E 57 8.27 6.59 -9.86
C ALA E 57 9.35 7.61 -9.57
N GLY E 58 9.50 8.59 -10.45
CA GLY E 58 10.59 9.57 -10.36
C GLY E 58 10.34 10.84 -11.16
N SER E 59 10.82 11.96 -10.64
CA SER E 59 10.76 13.23 -11.37
C SER E 59 11.73 13.20 -12.52
N SER E 60 11.49 14.08 -13.49
CA SER E 60 12.37 14.19 -14.64
C SER E 60 13.82 14.48 -14.26
N THR E 61 14.02 15.20 -13.15
CA THR E 61 15.36 15.61 -12.70
C THR E 61 16.03 14.53 -11.88
N GLY E 62 15.27 13.49 -11.53
CA GLY E 62 15.78 12.41 -10.73
C GLY E 62 15.80 12.69 -9.25
N ARG E 63 15.33 13.88 -8.86
CA ARG E 63 15.41 14.33 -7.46
C ARG E 63 14.35 13.70 -6.54
N THR E 64 13.14 13.51 -7.04
CA THR E 64 12.10 12.84 -6.26
C THR E 64 11.85 11.46 -6.84
N THR E 65 12.07 10.43 -6.03
CA THR E 65 11.76 9.05 -6.39
C THR E 65 11.02 8.31 -5.27
N TYR E 66 10.12 7.40 -5.66
CA TYR E 66 9.37 6.61 -4.70
C TYR E 66 9.38 5.15 -5.10
N TYR E 67 9.30 4.26 -4.11
CA TYR E 67 9.37 2.83 -4.34
C TYR E 67 8.39 2.06 -3.47
N ALA E 68 7.71 1.10 -4.07
CA ALA E 68 6.90 0.18 -3.29
C ALA E 68 7.79 -0.48 -2.23
N ASP E 69 7.24 -0.74 -1.04
CA ASP E 69 8.01 -1.31 0.07
C ASP E 69 8.81 -2.54 -0.33
N SER E 70 8.17 -3.43 -1.11
CA SER E 70 8.74 -4.74 -1.48
C SER E 70 9.86 -4.71 -2.52
N VAL E 71 10.17 -3.54 -3.06
CA VAL E 71 11.24 -3.47 -4.06
C VAL E 71 12.36 -2.53 -3.64
N LYS E 72 12.10 -1.71 -2.62
CA LYS E 72 13.08 -0.76 -2.11
C LYS E 72 14.45 -1.43 -1.91
N GLY E 73 15.51 -0.77 -2.40
CA GLY E 73 16.87 -1.29 -2.28
C GLY E 73 17.27 -2.18 -3.43
N ARG E 74 16.38 -3.08 -3.82
CA ARG E 74 16.60 -3.94 -4.99
C ARG E 74 16.47 -3.20 -6.34
N PHE E 75 15.32 -2.56 -6.56
CA PHE E 75 15.01 -1.88 -7.82
C PHE E 75 15.37 -0.40 -7.81
N THR E 76 15.89 0.09 -8.93
CA THR E 76 16.24 1.52 -9.05
C THR E 76 15.69 2.14 -10.33
N ILE E 77 15.02 3.29 -10.19
CA ILE E 77 14.55 4.05 -11.36
C ILE E 77 15.55 5.14 -11.76
N SER E 78 15.68 5.40 -13.05
CA SER E 78 16.55 6.47 -13.56
C SER E 78 16.14 6.85 -14.98
N ARG E 79 16.71 7.92 -15.51
CA ARG E 79 16.43 8.28 -16.91
C ARG E 79 17.58 8.87 -17.72
N ASP E 80 17.35 8.94 -19.03
CA ASP E 80 18.00 9.94 -19.87
C ASP E 80 16.96 10.67 -20.73
N ASN E 81 16.60 11.88 -20.30
CA ASN E 81 15.66 12.78 -21.01
C ASN E 81 16.10 13.08 -22.41
N ALA E 82 17.41 13.10 -22.62
CA ALA E 82 18.01 13.16 -23.96
C ALA E 82 17.53 11.99 -24.85
N LYS E 83 17.00 10.94 -24.22
CA LYS E 83 16.51 9.78 -24.95
C LYS E 83 15.01 9.55 -24.78
N ASN E 84 14.34 10.40 -23.99
CA ASN E 84 12.92 10.24 -23.63
C ASN E 84 12.73 8.84 -23.06
N THR E 85 13.67 8.41 -22.25
CA THR E 85 13.73 7.02 -21.85
C THR E 85 13.85 6.90 -20.34
N VAL E 86 13.06 5.99 -19.76
CA VAL E 86 13.19 5.62 -18.35
C VAL E 86 13.63 4.15 -18.16
N TYR E 87 14.40 3.91 -17.12
CA TYR E 87 14.91 2.59 -16.81
C TYR E 87 14.39 2.05 -15.49
N LEU E 88 14.48 0.75 -15.32
CA LEU E 88 14.24 0.16 -14.02
C LEU E 88 15.31 -0.92 -13.90
N GLN E 89 16.31 -0.62 -13.08
CA GLN E 89 17.35 -1.58 -12.74
C GLN E 89 16.79 -2.51 -11.68
N MET E 90 16.67 -3.79 -12.02
CA MET E 90 16.05 -4.77 -11.13
C MET E 90 17.06 -5.79 -10.62
N ASN E 91 17.49 -5.64 -9.37
CA ASN E 91 18.52 -6.51 -8.79
C ASN E 91 17.96 -7.48 -7.76
N SER E 92 18.67 -8.58 -7.56
CA SER E 92 18.30 -9.58 -6.58
C SER E 92 16.86 -10.05 -6.80
N LEU E 93 16.60 -10.55 -8.00
CA LEU E 93 15.23 -10.91 -8.38
C LEU E 93 14.67 -12.01 -7.47
N LYS E 94 13.36 -11.98 -7.25
CA LYS E 94 12.67 -13.02 -6.48
C LYS E 94 11.50 -13.52 -7.31
N PRO E 95 11.05 -14.76 -7.08
CA PRO E 95 9.92 -15.29 -7.87
C PRO E 95 8.64 -14.44 -7.81
N GLU E 96 8.45 -13.70 -6.72
CA GLU E 96 7.28 -12.82 -6.57
C GLU E 96 7.35 -11.62 -7.52
N ASP E 97 8.55 -11.34 -8.04
CA ASP E 97 8.73 -10.26 -9.01
C ASP E 97 8.13 -10.61 -10.39
N THR E 98 7.94 -11.91 -10.63
CA THR E 98 7.24 -12.38 -11.83
C THR E 98 5.97 -11.54 -12.02
N ALA E 99 5.82 -10.93 -13.20
CA ALA E 99 4.74 -9.97 -13.53
C ALA E 99 4.86 -9.42 -14.96
N VAL E 100 3.75 -8.91 -15.52
CA VAL E 100 3.86 -8.02 -16.67
C VAL E 100 4.23 -6.62 -16.13
N TYR E 101 5.25 -5.99 -16.70
CA TYR E 101 5.75 -4.69 -16.21
C TYR E 101 5.41 -3.57 -17.19
N TYR E 102 4.75 -2.54 -16.67
CA TYR E 102 4.28 -1.43 -17.50
C TYR E 102 4.99 -0.14 -17.08
N CYS E 103 5.44 0.66 -18.04
CA CYS E 103 5.92 2.01 -17.73
C CYS E 103 4.75 2.96 -17.92
N ALA E 104 4.83 4.10 -17.25
CA ALA E 104 3.77 5.08 -17.28
C ALA E 104 4.38 6.47 -17.17
N ALA E 105 3.63 7.46 -17.61
CA ALA E 105 4.17 8.81 -17.56
C ALA E 105 3.10 9.87 -17.41
N ALA E 106 3.54 11.03 -16.94
CA ALA E 106 2.72 12.24 -16.74
C ALA E 106 1.56 12.00 -15.76
N PRO E 107 1.90 11.67 -14.50
CA PRO E 107 0.86 11.42 -13.48
C PRO E 107 -0.02 12.64 -13.29
N TYR E 108 -1.30 12.44 -13.00
CA TYR E 108 -2.25 13.56 -12.86
C TYR E 108 -3.10 13.50 -11.59
N GLY E 109 -2.85 12.49 -10.76
CA GLY E 109 -3.54 12.33 -9.50
C GLY E 109 -2.75 12.90 -8.34
N ALA E 110 -3.24 12.66 -7.13
CA ALA E 110 -2.78 13.32 -5.89
C ALA E 110 -1.42 12.88 -5.39
N ASN E 111 -0.97 11.72 -5.85
CA ASN E 111 0.36 11.19 -5.52
C ASN E 111 0.76 10.24 -6.62
N TRP E 112 2.02 9.88 -6.68
CA TRP E 112 2.52 9.04 -7.78
C TRP E 112 2.30 7.54 -7.62
N TYR E 113 1.76 7.09 -6.48
CA TYR E 113 1.47 5.67 -6.25
C TYR E 113 0.18 5.28 -6.97
N ARG E 114 -0.73 6.24 -7.00
CA ARG E 114 -2.00 6.12 -7.62
C ARG E 114 -1.82 6.00 -9.14
N ASP E 115 -2.51 5.02 -9.76
CA ASP E 115 -2.31 4.73 -11.18
C ASP E 115 -2.97 5.73 -12.15
N GLU E 116 -3.05 7.00 -11.74
CA GLU E 116 -3.56 8.02 -12.64
C GLU E 116 -2.42 8.70 -13.40
N TYR E 117 -2.09 8.12 -14.56
CA TYR E 117 -1.01 8.59 -15.41
C TYR E 117 -1.54 8.65 -16.83
N ALA E 118 -1.16 9.71 -17.54
CA ALA E 118 -1.73 10.02 -18.84
C ALA E 118 -1.22 9.14 -19.98
N TYR E 119 -0.11 8.42 -19.76
CA TYR E 119 0.46 7.55 -20.80
C TYR E 119 0.98 6.22 -20.27
N TRP E 120 0.75 5.14 -21.03
CA TRP E 120 1.07 3.78 -20.60
C TRP E 120 1.64 2.98 -21.74
N GLY E 121 2.66 2.18 -21.44
CA GLY E 121 3.14 1.17 -22.36
C GLY E 121 2.32 -0.11 -22.31
N GLN E 122 2.60 -1.02 -23.24
CA GLN E 122 1.88 -2.28 -23.36
C GLN E 122 2.38 -3.31 -22.35
N GLY E 123 3.54 -3.08 -21.76
CA GLY E 123 4.05 -4.03 -20.79
C GLY E 123 5.00 -5.03 -21.41
N THR E 124 5.99 -5.44 -20.63
CA THR E 124 6.91 -6.48 -21.02
C THR E 124 6.89 -7.60 -19.94
N GLN E 125 6.95 -8.85 -20.36
CA GLN E 125 6.87 -9.99 -19.43
C GLN E 125 8.17 -10.22 -18.66
N VAL E 126 8.03 -10.44 -17.36
CA VAL E 126 9.16 -10.90 -16.57
C VAL E 126 8.76 -12.16 -15.80
N THR E 127 9.46 -13.26 -16.08
CA THR E 127 9.31 -14.50 -15.31
C THR E 127 10.60 -14.81 -14.56
N VAL E 128 10.51 -14.91 -13.24
CA VAL E 128 11.66 -15.21 -12.39
C VAL E 128 11.61 -16.64 -11.85
N SER E 129 12.53 -17.48 -12.29
CA SER E 129 12.50 -18.91 -11.97
C SER E 129 13.02 -19.21 -10.57
N VAL F 2 30.86 -4.65 3.70
CA VAL F 2 31.93 -3.78 3.14
C VAL F 2 32.41 -2.73 4.18
N LYS F 3 33.40 -3.10 5.01
CA LYS F 3 33.96 -4.47 5.09
C LYS F 3 34.19 -4.85 6.55
N LEU F 4 33.31 -5.68 7.10
CA LEU F 4 33.48 -6.23 8.45
C LEU F 4 33.75 -7.73 8.45
N GLU F 5 34.92 -8.13 8.94
CA GLU F 5 35.29 -9.56 8.98
C GLU F 5 35.65 -10.06 10.40
N GLU F 6 35.01 -11.16 10.80
CA GLU F 6 35.14 -11.68 12.16
C GLU F 6 35.96 -12.96 12.24
N SER F 7 36.77 -13.07 13.29
CA SER F 7 37.53 -14.30 13.55
C SER F 7 37.54 -14.65 15.05
N GLY F 8 37.93 -15.88 15.37
CA GLY F 8 38.14 -16.28 16.76
C GLY F 8 37.07 -17.07 17.46
N GLY F 9 36.00 -17.45 16.75
CA GLY F 9 34.99 -18.35 17.31
C GLY F 9 35.54 -19.76 17.44
N GLY F 10 34.77 -20.65 18.07
CA GLY F 10 35.18 -22.04 18.21
C GLY F 10 34.31 -22.87 19.13
N LEU F 11 34.65 -24.15 19.27
CA LEU F 11 33.97 -25.06 20.20
C LEU F 11 34.82 -25.33 21.43
N VAL F 12 34.32 -24.90 22.58
CA VAL F 12 35.03 -25.05 23.85
C VAL F 12 34.10 -25.67 24.87
N GLN F 13 34.50 -25.61 26.14
CA GLN F 13 33.76 -26.22 27.22
C GLN F 13 33.56 -25.23 28.36
N ALA F 14 32.43 -25.38 29.07
CA ALA F 14 32.05 -24.50 30.17
C ALA F 14 33.24 -24.02 30.98
N GLY F 15 33.30 -22.72 31.25
CA GLY F 15 34.41 -22.15 32.01
C GLY F 15 35.60 -21.74 31.15
N GLY F 16 35.56 -22.09 29.86
CA GLY F 16 36.59 -21.66 28.91
C GLY F 16 36.73 -20.15 28.69
N SER F 17 37.64 -19.79 27.79
CA SER F 17 37.84 -18.40 27.39
C SER F 17 38.08 -18.32 25.89
N LEU F 18 37.42 -17.37 25.23
CA LEU F 18 37.70 -17.07 23.82
C LEU F 18 37.78 -15.56 23.57
N ARG F 19 38.48 -15.18 22.52
CA ARG F 19 38.69 -13.79 22.16
C ARG F 19 38.24 -13.62 20.72
N LEU F 20 37.18 -12.83 20.53
CA LEU F 20 36.62 -12.60 19.18
C LEU F 20 37.16 -11.32 18.56
N SER F 21 37.31 -11.33 17.25
CA SER F 21 37.80 -10.16 16.52
C SER F 21 36.79 -9.67 15.50
N CYS F 22 36.65 -8.35 15.42
CA CYS F 22 35.89 -7.70 14.34
C CYS F 22 36.88 -6.81 13.57
N ALA F 23 37.09 -7.16 12.31
CA ALA F 23 38.00 -6.39 11.45
C ALA F 23 37.23 -5.48 10.50
N ALA F 24 37.84 -4.33 10.20
CA ALA F 24 37.32 -3.40 9.21
C ALA F 24 38.45 -2.89 8.35
N SER F 25 38.36 -3.12 7.04
CA SER F 25 39.38 -2.63 6.11
C SER F 25 39.07 -1.23 5.56
N GLU F 26 38.40 -0.42 6.38
CA GLU F 26 38.06 0.96 6.06
C GLU F 26 38.13 1.83 7.32
N ARG F 27 38.89 2.92 7.23
CA ARG F 27 39.22 3.75 8.40
C ARG F 27 38.11 4.75 8.78
N THR F 28 36.93 4.58 8.20
CA THR F 28 35.72 5.30 8.63
C THR F 28 35.07 4.54 9.79
N PHE F 29 35.87 3.70 10.44
CA PHE F 29 35.43 2.76 11.48
C PHE F 29 35.48 3.37 12.88
N SER F 30 36.54 4.12 13.16
CA SER F 30 36.76 4.71 14.50
C SER F 30 35.91 5.96 14.76
N ARG F 31 35.03 6.29 13.82
CA ARG F 31 34.09 7.39 13.99
C ARG F 31 32.81 6.99 14.74
N TYR F 32 32.50 5.69 14.72
CA TYR F 32 31.21 5.21 15.26
C TYR F 32 31.37 4.17 16.40
N PRO F 33 30.31 3.99 17.21
CA PRO F 33 30.31 2.89 18.18
C PRO F 33 30.08 1.53 17.52
N VAL F 34 30.65 0.48 18.10
CA VAL F 34 30.53 -0.88 17.56
C VAL F 34 29.99 -1.82 18.63
N ALA F 35 29.12 -2.73 18.21
CA ALA F 35 28.46 -3.64 19.15
C ALA F 35 28.62 -5.10 18.76
N TRP F 36 28.46 -5.98 19.74
CA TRP F 36 28.35 -7.41 19.50
C TRP F 36 26.93 -7.88 19.77
N PHE F 37 26.41 -8.67 18.84
CA PHE F 37 25.15 -9.35 19.03
C PHE F 37 25.39 -10.84 18.87
N ARG F 38 24.51 -11.65 19.44
CA ARG F 38 24.55 -13.10 19.24
C ARG F 38 23.12 -13.62 19.00
N GLN F 39 22.95 -14.61 18.13
CA GLN F 39 21.65 -15.31 18.04
C GLN F 39 21.72 -16.83 18.15
N ALA F 40 21.07 -17.35 19.19
CA ALA F 40 20.86 -18.78 19.35
C ALA F 40 20.17 -19.32 18.08
N PRO F 41 20.42 -20.60 17.72
CA PRO F 41 19.81 -21.15 16.50
C PRO F 41 18.29 -20.89 16.40
N GLY F 42 17.88 -20.20 15.34
CA GLY F 42 16.46 -19.89 15.11
C GLY F 42 15.91 -18.67 15.82
N ALA F 43 16.38 -18.40 17.04
CA ALA F 43 15.86 -17.32 17.89
C ALA F 43 16.33 -15.91 17.52
N GLU F 44 15.94 -14.92 18.33
CA GLU F 44 16.14 -13.49 18.07
C GLU F 44 17.58 -13.02 18.34
N ARG F 45 18.08 -12.12 17.51
CA ARG F 45 19.37 -11.47 17.75
C ARG F 45 19.32 -10.63 19.03
N GLU F 46 20.03 -11.08 20.07
CA GLU F 46 20.10 -10.34 21.34
C GLU F 46 21.40 -9.53 21.49
N PHE F 47 21.33 -8.49 22.32
CA PHE F 47 22.44 -7.55 22.50
C PHE F 47 23.42 -8.10 23.50
N VAL F 48 24.71 -7.96 23.20
CA VAL F 48 25.76 -8.44 24.08
C VAL F 48 26.54 -7.30 24.70
N ALA F 49 27.20 -6.49 23.86
CA ALA F 49 27.99 -5.37 24.34
C ALA F 49 28.18 -4.31 23.28
N VAL F 50 28.42 -3.07 23.72
CA VAL F 50 28.72 -1.97 22.80
C VAL F 50 29.84 -1.10 23.38
N ILE F 51 30.71 -0.61 22.49
CA ILE F 51 31.76 0.32 22.86
C ILE F 51 31.65 1.62 22.08
N SER F 52 31.83 2.74 22.78
CA SER F 52 31.87 4.07 22.17
C SER F 52 32.94 4.14 21.10
N SER F 53 32.81 5.10 20.20
CA SER F 53 33.82 5.36 19.17
C SER F 53 35.23 5.58 19.75
N THR F 54 35.30 5.97 21.03
CA THR F 54 36.53 6.43 21.65
C THR F 54 37.20 5.44 22.62
N GLY F 55 36.50 4.34 22.94
CA GLY F 55 36.98 3.42 23.98
C GLY F 55 36.54 3.81 25.39
N THR F 56 36.33 5.11 25.61
CA THR F 56 35.91 5.66 26.90
C THR F 56 34.87 4.79 27.62
N SER F 57 33.83 4.42 26.88
CA SER F 57 32.55 4.08 27.46
C SER F 57 32.05 2.77 26.86
N THR F 58 31.54 1.90 27.73
CA THR F 58 31.01 0.61 27.31
C THR F 58 29.72 0.27 28.05
N TYR F 59 28.90 -0.55 27.41
CA TYR F 59 27.70 -1.10 28.04
C TYR F 59 27.56 -2.58 27.75
N TYR F 60 27.10 -3.30 28.76
CA TYR F 60 26.99 -4.75 28.68
C TYR F 60 25.56 -5.20 28.96
N ALA F 61 25.14 -6.25 28.25
CA ALA F 61 23.95 -7.00 28.63
C ALA F 61 24.15 -7.56 30.04
N ASP F 62 23.08 -8.00 30.67
CA ASP F 62 23.14 -8.43 32.07
C ASP F 62 23.77 -9.79 32.26
N SER F 63 23.39 -10.74 31.41
CA SER F 63 23.85 -12.12 31.54
C SER F 63 25.35 -12.27 31.29
N VAL F 64 25.97 -11.28 30.65
CA VAL F 64 27.40 -11.34 30.31
C VAL F 64 28.27 -10.30 31.03
N LYS F 65 27.68 -9.48 31.89
CA LYS F 65 28.45 -8.46 32.62
C LYS F 65 29.47 -9.11 33.57
N GLY F 66 30.69 -8.58 33.54
CA GLY F 66 31.81 -9.17 34.32
C GLY F 66 32.55 -10.27 33.58
N ARG F 67 31.81 -11.21 33.00
CA ARG F 67 32.38 -12.33 32.24
C ARG F 67 32.95 -11.95 30.88
N PHE F 68 32.41 -10.88 30.28
CA PHE F 68 32.81 -10.42 28.94
C PHE F 68 33.37 -9.02 28.99
N THR F 69 34.32 -8.74 28.12
CA THR F 69 34.94 -7.44 28.02
C THR F 69 35.07 -7.05 26.56
N ILE F 70 34.53 -5.88 26.20
CA ILE F 70 34.70 -5.30 24.88
C ILE F 70 35.73 -4.17 24.91
N SER F 71 36.63 -4.17 23.94
CA SER F 71 37.64 -3.14 23.78
C SER F 71 37.82 -2.87 22.30
N ARG F 72 38.53 -1.80 21.95
CA ARG F 72 38.88 -1.56 20.56
C ARG F 72 40.34 -1.14 20.37
N ASP F 73 40.84 -1.33 19.15
CA ASP F 73 42.19 -0.95 18.80
C ASP F 73 42.15 -0.13 17.53
N ASN F 74 41.96 1.18 17.70
CA ASN F 74 41.78 2.09 16.57
C ASN F 74 43.06 2.33 15.76
N ALA F 75 44.17 1.82 16.28
CA ALA F 75 45.42 1.72 15.51
C ALA F 75 45.28 0.68 14.40
N LYS F 76 44.56 -0.41 14.70
CA LYS F 76 44.30 -1.47 13.71
C LYS F 76 42.82 -1.50 13.30
N VAL F 77 42.06 -0.50 13.77
CA VAL F 77 40.59 -0.46 13.65
C VAL F 77 39.92 -1.82 13.84
N THR F 78 40.12 -2.37 15.03
CA THR F 78 39.64 -3.70 15.38
C THR F 78 38.85 -3.66 16.69
N VAL F 79 37.78 -4.45 16.73
CA VAL F 79 36.97 -4.58 17.94
C VAL F 79 37.06 -6.00 18.48
N TYR F 80 37.49 -6.13 19.73
CA TYR F 80 37.66 -7.43 20.36
C TYR F 80 36.56 -7.72 21.37
N LEU F 81 36.15 -8.98 21.45
CA LEU F 81 35.32 -9.43 22.56
C LEU F 81 36.00 -10.55 23.36
N GLN F 82 36.42 -10.21 24.57
CA GLN F 82 37.05 -11.14 25.48
C GLN F 82 35.95 -11.86 26.28
N MET F 83 35.83 -13.16 26.04
CA MET F 83 34.80 -13.96 26.70
C MET F 83 35.38 -14.95 27.72
N ASN F 84 35.11 -14.75 29.00
CA ASN F 84 35.58 -15.66 30.04
C ASN F 84 34.43 -16.36 30.73
N ASN F 85 34.73 -17.49 31.37
CA ASN F 85 33.73 -18.30 32.05
C ASN F 85 32.48 -18.50 31.17
N LEU F 86 32.67 -19.22 30.08
CA LEU F 86 31.61 -19.48 29.13
C LEU F 86 30.62 -20.46 29.70
N LYS F 87 29.33 -20.11 29.59
CA LYS F 87 28.24 -20.97 30.06
C LYS F 87 27.60 -21.63 28.85
N ARG F 88 26.71 -22.61 29.08
CA ARG F 88 25.97 -23.26 27.99
C ARG F 88 25.15 -22.26 27.16
N GLU F 89 24.53 -21.30 27.86
CA GLU F 89 23.68 -20.27 27.26
C GLU F 89 24.39 -19.34 26.26
N ASP F 90 25.70 -19.15 26.43
CA ASP F 90 26.50 -18.28 25.56
C ASP F 90 26.64 -18.80 24.12
N THR F 91 26.03 -19.96 23.82
CA THR F 91 26.16 -20.60 22.50
C THR F 91 25.35 -19.86 21.45
N ALA F 92 26.02 -19.44 20.38
CA ALA F 92 25.38 -18.67 19.32
C ALA F 92 26.38 -18.35 18.22
N VAL F 93 25.88 -17.78 17.12
CA VAL F 93 26.73 -17.09 16.17
C VAL F 93 26.82 -15.67 16.71
N TYR F 94 28.01 -15.08 16.65
CA TYR F 94 28.30 -13.83 17.33
C TYR F 94 28.62 -12.75 16.32
N PHE F 95 27.83 -11.67 16.35
CA PHE F 95 27.93 -10.63 15.34
C PHE F 95 28.49 -9.34 15.90
N CYS F 96 29.33 -8.68 15.11
CA CYS F 96 29.75 -7.31 15.39
C CYS F 96 29.23 -6.38 14.29
N ALA F 97 28.56 -5.31 14.70
CA ALA F 97 27.97 -4.39 13.72
C ALA F 97 28.17 -2.93 14.10
N VAL F 98 28.07 -2.06 13.09
CA VAL F 98 28.25 -0.63 13.26
C VAL F 98 26.91 0.10 13.26
N ASN F 99 26.77 1.08 14.16
CA ASN F 99 25.64 2.01 14.16
C ASN F 99 26.14 3.44 13.92
N SER F 100 25.85 3.97 12.74
CA SER F 100 26.30 5.30 12.35
C SER F 100 25.35 6.41 12.79
N GLN F 101 24.11 6.04 13.11
CA GLN F 101 23.14 7.02 13.62
C GLN F 101 23.37 7.27 15.11
N ARG F 102 24.15 6.39 15.74
CA ARG F 102 24.50 6.46 17.16
C ARG F 102 23.29 6.34 18.09
N THR F 103 22.21 5.76 17.55
CA THR F 103 20.90 5.77 18.19
C THR F 103 20.47 4.39 18.66
N ARG F 104 19.83 4.33 19.82
CA ARG F 104 19.32 3.08 20.40
C ARG F 104 20.28 1.92 20.12
N LEU F 105 21.48 1.99 20.71
CA LEU F 105 22.58 1.11 20.37
C LEU F 105 22.38 -0.36 20.75
N GLN F 106 21.35 -0.62 21.56
CA GLN F 106 21.03 -1.99 21.95
C GLN F 106 20.13 -2.68 20.92
N ASP F 107 19.43 -1.89 20.11
CA ASP F 107 18.49 -2.44 19.13
C ASP F 107 19.21 -2.83 17.85
N PRO F 108 19.17 -4.13 17.49
CA PRO F 108 19.83 -4.68 16.31
C PRO F 108 19.39 -4.02 14.99
N ASN F 109 18.08 -3.76 14.85
CA ASN F 109 17.54 -3.15 13.62
C ASN F 109 18.06 -1.74 13.34
N GLU F 110 18.62 -1.10 14.35
CA GLU F 110 19.21 0.23 14.19
C GLU F 110 20.61 0.21 13.55
N TYR F 111 21.06 -0.97 13.13
CA TYR F 111 22.45 -1.13 12.69
C TYR F 111 22.63 -1.21 11.19
N ASP F 112 23.58 -0.39 10.71
CA ASP F 112 23.83 -0.19 9.28
C ASP F 112 24.50 -1.41 8.64
N TYR F 113 25.81 -1.53 8.86
CA TYR F 113 26.61 -2.59 8.27
C TYR F 113 26.97 -3.65 9.32
N TRP F 114 26.86 -4.92 8.93
CA TRP F 114 27.10 -6.04 9.83
C TRP F 114 28.37 -6.81 9.50
N GLY F 115 28.69 -7.80 10.34
CA GLY F 115 29.84 -8.67 10.12
C GLY F 115 29.43 -10.04 9.62
N GLN F 116 30.44 -10.83 9.23
CA GLN F 116 30.24 -12.16 8.64
C GLN F 116 29.54 -13.12 9.59
N GLY F 117 29.95 -13.12 10.85
CA GLY F 117 29.39 -14.01 11.87
C GLY F 117 30.29 -15.20 12.15
N THR F 118 30.69 -15.37 13.41
CA THR F 118 31.53 -16.50 13.82
C THR F 118 30.81 -17.39 14.84
N GLN F 119 30.98 -18.70 14.70
CA GLN F 119 30.31 -19.66 15.58
C GLN F 119 31.01 -19.79 16.93
N VAL F 120 30.20 -19.83 17.99
CA VAL F 120 30.68 -20.05 19.35
C VAL F 120 29.76 -21.05 20.05
N THR F 121 30.26 -22.27 20.24
CA THR F 121 29.51 -23.34 20.92
C THR F 121 30.17 -23.67 22.26
N VAL F 122 29.36 -23.88 23.29
CA VAL F 122 29.88 -24.19 24.64
C VAL F 122 29.15 -25.40 25.24
N SER F 123 29.88 -26.51 25.40
CA SER F 123 29.31 -27.77 25.89
C SER F 123 29.75 -28.14 27.31
N SER F 124 29.00 -29.04 27.94
CA SER F 124 29.26 -29.49 29.31
C SER F 124 30.21 -30.69 29.38
#